data_4R73
#
_entry.id   4R73
#
_cell.length_a   43.530
_cell.length_b   95.320
_cell.length_c   152.100
_cell.angle_alpha   90.000
_cell.angle_beta   90.000
_cell.angle_gamma   90.000
#
_symmetry.space_group_name_H-M   'P 21 21 21'
#
loop_
_entity.id
_entity.type
_entity.pdbx_description
1 polymer 'ABC-type Fe3+ transport system, periplasmic component'
2 non-polymer 6-O-phosphono-alpha-D-glucopyranose
3 non-polymer 6-O-phosphono-alpha-D-mannopyranose
4 non-polymer GLYCEROL
5 non-polymer 'CHLORIDE ION'
6 water water
#
_entity_poly.entity_id   1
_entity_poly.type   'polypeptide(L)'
_entity_poly.pdbx_seq_one_letter_code
;GSKGRLVIYCSATNVMCENAAKTFEQKYDVKTSFIRNGSGSTFAKIEAEKNNPQADVWYGGTLDPQSQAGELGLLEAYRS
PNIDQIMPKFQDPAKVKGNLSSAVYIGILGFAVNTERLKKLGIEKIPQCWNDLTDPKLKGEIQIADPQSSGTAYTAIATF
AQLWGEDKAFDYFKHLHPNISQYTKSGITPARNAARGETTVGIGFLHDYALEKEQGAPLEMVVPCEGTGYELGGVSILKG
ARNLDNAKLFVDFALSKEGQETAWKKGQALQTLTNTTAEQSPLAFDLTKLKLIDYDFEKYGASDERKRLINKWVDEIKLA
K
;
_entity_poly.pdbx_strand_id   A,B
#
loop_
_chem_comp.id
_chem_comp.type
_chem_comp.name
_chem_comp.formula
CL non-polymer 'CHLORIDE ION' 'Cl -1'
G6P D-saccharide, alpha linking 6-O-phosphono-alpha-D-glucopyranose 'C6 H13 O9 P'
GOL non-polymer GLYCEROL 'C3 H8 O3'
M6P D-saccharide, alpha linking 6-O-phosphono-alpha-D-mannopyranose 'C6 H13 O9 P'
#
# COMPACT_ATOMS: atom_id res chain seq x y z
N GLY A 1 27.75 3.93 -25.76
CA GLY A 1 28.14 2.55 -25.77
C GLY A 1 26.98 1.64 -25.38
N SER A 2 25.75 2.13 -25.52
CA SER A 2 24.56 1.33 -25.18
CA SER A 2 24.50 1.28 -25.25
C SER A 2 24.37 0.11 -26.09
N LYS A 3 23.99 -1.01 -25.48
CA LYS A 3 23.86 -2.27 -26.23
C LYS A 3 22.49 -2.90 -26.05
N GLY A 4 21.47 -2.18 -26.43
CA GLY A 4 20.14 -2.73 -26.31
C GLY A 4 19.56 -2.63 -24.91
N ARG A 5 18.52 -3.42 -24.70
CA ARG A 5 17.74 -3.26 -23.50
C ARG A 5 17.28 -4.62 -22.97
N LEU A 6 16.73 -4.60 -21.77
CA LEU A 6 16.21 -5.81 -21.12
C LEU A 6 15.15 -5.39 -20.15
N VAL A 7 14.01 -6.07 -20.18
CA VAL A 7 12.93 -5.83 -19.21
C VAL A 7 12.76 -7.10 -18.39
N ILE A 8 12.86 -6.95 -17.08
CA ILE A 8 12.76 -8.10 -16.16
C ILE A 8 11.47 -8.03 -15.36
N TYR A 9 10.73 -9.14 -15.31
CA TYR A 9 9.68 -9.32 -14.29
C TYR A 9 10.38 -10.00 -13.13
N CYS A 10 10.50 -9.28 -12.01
CA CYS A 10 11.24 -9.80 -10.86
CA CYS A 10 11.24 -9.75 -10.82
C CYS A 10 10.27 -10.22 -9.76
N SER A 11 10.58 -11.33 -9.09
CA SER A 11 9.71 -11.75 -8.00
C SER A 11 10.47 -11.97 -6.71
N ALA A 12 11.72 -11.55 -6.70
CA ALA A 12 12.50 -11.50 -5.45
C ALA A 12 12.21 -10.19 -4.74
N THR A 13 12.94 -9.90 -3.68
CA THR A 13 12.77 -8.61 -3.04
C THR A 13 13.27 -7.46 -3.89
N ASN A 14 12.70 -6.26 -3.67
CA ASN A 14 13.14 -5.11 -4.44
C ASN A 14 14.65 -4.90 -4.39
N VAL A 15 15.25 -5.06 -3.22
CA VAL A 15 16.68 -4.75 -3.09
CA VAL A 15 16.67 -4.77 -3.07
C VAL A 15 17.51 -5.73 -3.90
N MET A 16 17.11 -7.01 -3.93
CA MET A 16 17.84 -8.02 -4.68
CA MET A 16 17.83 -8.02 -4.68
C MET A 16 17.67 -7.74 -6.17
N CYS A 17 16.43 -7.43 -6.59
CA CYS A 17 16.12 -7.14 -8.00
CA CYS A 17 16.25 -7.23 -8.01
C CYS A 17 16.90 -5.95 -8.51
N GLU A 18 16.88 -4.88 -7.72
CA GLU A 18 17.53 -3.64 -8.13
C GLU A 18 19.03 -3.84 -8.26
N ASN A 19 19.61 -4.59 -7.33
CA ASN A 19 21.04 -4.84 -7.39
C ASN A 19 21.39 -5.71 -8.60
N ALA A 20 20.56 -6.70 -8.89
CA ALA A 20 20.87 -7.58 -10.01
C ALA A 20 20.80 -6.76 -11.31
N ALA A 21 19.75 -5.95 -11.44
CA ALA A 21 19.56 -5.16 -12.66
C ALA A 21 20.67 -4.14 -12.85
N LYS A 22 21.03 -3.45 -11.77
CA LYS A 22 22.08 -2.44 -11.87
C LYS A 22 23.44 -3.04 -12.17
N THR A 23 23.71 -4.19 -11.57
CA THR A 23 24.98 -4.88 -11.76
C THR A 23 25.08 -5.41 -13.19
N PHE A 24 23.99 -5.98 -13.69
CA PHE A 24 23.96 -6.44 -15.07
C PHE A 24 24.14 -5.27 -16.03
N GLU A 25 23.43 -4.18 -15.80
CA GLU A 25 23.53 -3.03 -16.70
C GLU A 25 24.96 -2.49 -16.72
N GLN A 26 25.60 -2.40 -15.55
CA GLN A 26 26.93 -1.82 -15.54
CA GLN A 26 26.96 -1.87 -15.46
C GLN A 26 27.95 -2.76 -16.17
N LYS A 27 27.74 -4.08 -16.08
CA LYS A 27 28.68 -5.04 -16.64
C LYS A 27 28.57 -5.13 -18.17
N TYR A 28 27.36 -5.00 -18.71
CA TYR A 28 27.13 -5.35 -20.11
C TYR A 28 26.57 -4.23 -20.98
N ASP A 29 26.37 -3.06 -20.38
CA ASP A 29 25.85 -1.87 -21.06
C ASP A 29 24.47 -2.07 -21.65
N VAL A 30 23.68 -2.95 -21.01
CA VAL A 30 22.30 -3.18 -21.41
C VAL A 30 21.37 -2.35 -20.54
N LYS A 31 20.52 -1.55 -21.19
CA LYS A 31 19.59 -0.71 -20.44
C LYS A 31 18.52 -1.61 -19.82
N THR A 32 18.59 -1.79 -18.50
CA THR A 32 17.85 -2.85 -17.82
C THR A 32 16.85 -2.24 -16.84
N SER A 33 15.60 -2.69 -16.90
CA SER A 33 14.57 -2.22 -15.97
C SER A 33 13.86 -3.42 -15.39
N PHE A 34 13.27 -3.25 -14.22
CA PHE A 34 12.47 -4.35 -13.70
C PHE A 34 11.16 -3.85 -13.11
N ILE A 35 10.22 -4.77 -13.01
CA ILE A 35 8.94 -4.55 -12.35
C ILE A 35 8.80 -5.70 -11.35
N ARG A 36 8.54 -5.38 -10.08
CA ARG A 36 8.50 -6.48 -9.10
CA ARG A 36 8.50 -6.31 -8.97
C ARG A 36 7.08 -6.79 -8.70
N ASN A 37 6.82 -8.09 -8.64
CA ASN A 37 5.53 -8.60 -8.22
C ASN A 37 5.68 -10.02 -7.71
N GLY A 38 4.65 -10.50 -7.00
CA GLY A 38 4.69 -11.84 -6.41
C GLY A 38 4.84 -12.92 -7.46
N SER A 39 5.28 -14.10 -7.04
CA SER A 39 5.48 -15.21 -8.00
C SER A 39 4.17 -15.60 -8.70
N GLY A 40 3.10 -15.72 -7.92
CA GLY A 40 1.80 -16.06 -8.49
C GLY A 40 1.22 -14.90 -9.29
N SER A 41 1.33 -13.69 -8.75
CA SER A 41 0.88 -12.50 -9.43
C SER A 41 1.57 -12.34 -10.79
N THR A 42 2.85 -12.69 -10.85
CA THR A 42 3.61 -12.51 -12.07
C THR A 42 3.20 -13.56 -13.11
N PHE A 43 3.02 -14.80 -12.66
CA PHE A 43 2.46 -15.84 -13.52
C PHE A 43 1.18 -15.35 -14.19
N ALA A 44 0.26 -14.78 -13.41
CA ALA A 44 -1.01 -14.38 -14.02
C ALA A 44 -0.84 -13.29 -15.06
N LYS A 45 0.08 -12.37 -14.80
CA LYS A 45 0.40 -11.27 -15.70
C LYS A 45 0.99 -11.82 -17.00
N ILE A 46 1.97 -12.71 -16.87
CA ILE A 46 2.60 -13.28 -18.06
C ILE A 46 1.58 -14.04 -18.89
N GLU A 47 0.71 -14.80 -18.24
CA GLU A 47 -0.31 -15.57 -18.95
C GLU A 47 -1.28 -14.64 -19.66
N ALA A 48 -1.65 -13.54 -19.00
CA ALA A 48 -2.59 -12.58 -19.60
C ALA A 48 -1.97 -11.87 -20.81
N GLU A 49 -0.65 -11.76 -20.82
CA GLU A 49 0.05 -10.98 -21.82
C GLU A 49 0.67 -11.85 -22.93
N LYS A 50 0.30 -13.12 -22.96
CA LYS A 50 1.02 -14.09 -23.78
C LYS A 50 1.01 -13.77 -25.27
N ASN A 51 -0.06 -13.14 -25.75
CA ASN A 51 -0.10 -12.82 -27.19
C ASN A 51 0.83 -11.64 -27.56
N ASN A 52 1.18 -10.83 -26.57
CA ASN A 52 2.12 -9.74 -26.82
C ASN A 52 2.96 -9.48 -25.58
N PRO A 53 3.95 -10.35 -25.33
CA PRO A 53 4.71 -10.36 -24.08
C PRO A 53 5.39 -9.03 -23.80
N GLN A 54 5.36 -8.62 -22.52
CA GLN A 54 5.81 -7.29 -22.16
C GLN A 54 7.11 -7.28 -21.36
N ALA A 55 7.69 -8.45 -21.17
CA ALA A 55 8.98 -8.58 -20.50
C ALA A 55 9.80 -9.59 -21.26
N ASP A 56 11.09 -9.62 -20.95
CA ASP A 56 12.03 -10.56 -21.58
C ASP A 56 12.33 -11.76 -20.69
N VAL A 57 12.49 -11.50 -19.40
CA VAL A 57 12.92 -12.53 -18.45
C VAL A 57 12.16 -12.41 -17.16
N TRP A 58 11.95 -13.56 -16.50
CA TRP A 58 11.29 -13.62 -15.19
C TRP A 58 12.35 -14.09 -14.22
N TYR A 59 12.67 -13.27 -13.23
CA TYR A 59 13.79 -13.53 -12.31
C TYR A 59 13.35 -13.58 -10.88
N GLY A 60 13.70 -14.66 -10.17
CA GLY A 60 13.40 -14.79 -8.77
C GLY A 60 11.97 -15.18 -8.53
N GLY A 61 11.63 -15.25 -7.27
CA GLY A 61 10.38 -15.85 -6.90
C GLY A 61 10.52 -17.35 -6.99
N THR A 62 9.48 -18.05 -6.61
CA THR A 62 9.56 -19.50 -6.55
C THR A 62 9.45 -20.16 -7.93
N LEU A 63 10.03 -21.36 -8.02
CA LEU A 63 10.04 -22.14 -9.27
C LEU A 63 8.65 -22.62 -9.71
N ASP A 64 7.78 -23.00 -8.77
CA ASP A 64 6.52 -23.69 -9.18
C ASP A 64 5.71 -22.93 -10.24
N PRO A 65 5.48 -21.62 -10.08
CA PRO A 65 4.72 -20.94 -11.14
C PRO A 65 5.53 -20.78 -12.43
N GLN A 66 6.86 -20.73 -12.35
CA GLN A 66 7.64 -20.73 -13.59
C GLN A 66 7.55 -22.08 -14.31
N SER A 67 7.59 -23.16 -13.54
CA SER A 67 7.40 -24.51 -14.09
C SER A 67 6.02 -24.63 -14.74
N GLN A 68 5.02 -24.05 -14.09
CA GLN A 68 3.66 -24.07 -14.67
C GLN A 68 3.64 -23.26 -15.97
N ALA A 69 4.29 -22.11 -15.98
CA ALA A 69 4.36 -21.28 -17.19
C ALA A 69 5.03 -22.05 -18.32
N GLY A 70 6.05 -22.85 -18.00
CA GLY A 70 6.71 -23.69 -18.99
C GLY A 70 5.79 -24.72 -19.61
N GLU A 71 5.04 -25.40 -18.76
CA GLU A 71 4.01 -26.36 -19.16
C GLU A 71 3.00 -25.72 -20.14
N LEU A 72 2.70 -24.45 -19.91
CA LEU A 72 1.66 -23.78 -20.69
C LEU A 72 2.19 -23.09 -21.92
N GLY A 73 3.49 -23.25 -22.20
CA GLY A 73 4.05 -22.72 -23.43
C GLY A 73 4.37 -21.23 -23.37
N LEU A 74 4.51 -20.68 -22.18
CA LEU A 74 4.77 -19.25 -21.99
C LEU A 74 6.25 -18.87 -21.99
N LEU A 75 7.13 -19.88 -22.00
CA LEU A 75 8.57 -19.66 -21.88
C LEU A 75 9.38 -20.13 -23.10
N GLU A 76 10.61 -19.70 -23.18
CA GLU A 76 11.53 -20.02 -24.28
C GLU A 76 12.69 -20.81 -23.71
N ALA A 77 12.92 -22.01 -24.21
CA ALA A 77 14.00 -22.82 -23.66
C ALA A 77 15.37 -22.25 -23.96
N TYR A 78 16.22 -22.30 -22.93
CA TYR A 78 17.62 -21.90 -23.09
C TYR A 78 18.46 -22.51 -21.98
N ARG A 79 19.38 -23.40 -22.34
CA ARG A 79 20.34 -23.92 -21.36
C ARG A 79 21.63 -23.12 -21.41
N SER A 80 21.83 -22.31 -20.37
CA SER A 80 23.06 -21.58 -20.18
C SER A 80 24.26 -22.50 -20.03
N PRO A 81 25.41 -22.10 -20.54
CA PRO A 81 26.62 -22.86 -20.22
C PRO A 81 26.85 -22.93 -18.73
N ASN A 82 26.35 -21.95 -17.98
CA ASN A 82 26.58 -21.95 -16.55
C ASN A 82 25.77 -23.01 -15.80
N ILE A 83 24.82 -23.64 -16.49
CA ILE A 83 24.15 -24.80 -15.88
C ILE A 83 25.19 -25.89 -15.47
N ASP A 84 26.32 -25.95 -16.18
CA ASP A 84 27.37 -26.93 -15.86
C ASP A 84 27.83 -26.77 -14.40
N GLN A 85 27.69 -25.57 -13.85
CA GLN A 85 28.18 -25.28 -12.50
C GLN A 85 27.07 -25.41 -11.45
N ILE A 86 25.86 -25.66 -11.89
CA ILE A 86 24.76 -25.71 -10.94
C ILE A 86 24.72 -27.07 -10.26
N MET A 87 24.38 -27.06 -8.98
CA MET A 87 24.14 -28.32 -8.27
C MET A 87 23.39 -29.30 -9.16
N PRO A 88 23.97 -30.49 -9.42
CA PRO A 88 23.38 -31.43 -10.38
C PRO A 88 21.90 -31.72 -10.18
N LYS A 89 21.47 -31.91 -8.94
CA LYS A 89 20.06 -32.22 -8.75
C LYS A 89 19.11 -31.08 -9.13
N PHE A 90 19.67 -29.88 -9.27
CA PHE A 90 18.84 -28.70 -9.58
C PHE A 90 19.15 -28.12 -10.96
N GLN A 91 19.82 -28.88 -11.82
CA GLN A 91 20.22 -28.34 -13.14
C GLN A 91 19.05 -28.12 -14.09
N ASP A 92 18.03 -28.96 -14.00
CA ASP A 92 16.85 -28.85 -14.89
C ASP A 92 15.62 -29.40 -14.16
N PRO A 93 15.12 -28.65 -13.16
CA PRO A 93 14.22 -29.20 -12.14
C PRO A 93 12.73 -29.11 -12.45
N ALA A 94 12.35 -28.30 -13.44
CA ALA A 94 10.94 -28.02 -13.69
C ALA A 94 10.23 -29.17 -14.41
N LYS A 95 8.93 -29.03 -14.56
CA LYS A 95 8.14 -30.08 -15.18
C LYS A 95 8.56 -30.38 -16.63
N VAL A 96 8.68 -29.34 -17.46
CA VAL A 96 9.10 -29.51 -18.86
C VAL A 96 10.61 -29.36 -18.94
N LYS A 97 11.30 -30.41 -19.38
CA LYS A 97 12.75 -30.36 -19.36
C LYS A 97 13.28 -29.54 -20.53
N GLY A 98 14.54 -29.16 -20.44
CA GLY A 98 15.17 -28.37 -21.50
C GLY A 98 15.49 -26.95 -21.07
N ASN A 99 15.46 -26.73 -19.75
CA ASN A 99 15.74 -25.43 -19.17
C ASN A 99 14.90 -24.30 -19.76
N LEU A 100 13.61 -24.51 -19.71
CA LEU A 100 12.68 -23.39 -19.83
CA LEU A 100 12.66 -23.41 -19.81
C LEU A 100 12.78 -22.55 -18.55
N SER A 101 13.13 -23.19 -17.43
CA SER A 101 13.41 -22.48 -16.20
C SER A 101 14.66 -23.07 -15.61
N SER A 102 15.37 -22.26 -14.85
CA SER A 102 16.60 -22.69 -14.20
C SER A 102 16.60 -22.18 -12.78
N ALA A 103 17.36 -22.85 -11.93
CA ALA A 103 17.39 -22.57 -10.49
C ALA A 103 18.53 -21.69 -10.08
N VAL A 104 18.21 -20.52 -9.53
CA VAL A 104 19.24 -19.56 -9.13
C VAL A 104 19.52 -19.49 -7.64
N TYR A 105 18.63 -20.04 -6.81
CA TYR A 105 18.90 -20.05 -5.37
C TYR A 105 17.95 -21.03 -4.72
N ILE A 106 18.20 -21.28 -3.44
CA ILE A 106 17.37 -22.17 -2.62
C ILE A 106 16.92 -21.40 -1.39
N GLY A 107 15.62 -21.51 -1.04
CA GLY A 107 15.09 -20.86 0.15
C GLY A 107 14.40 -21.92 0.99
N ILE A 108 14.72 -22.00 2.27
CA ILE A 108 14.17 -22.99 3.15
C ILE A 108 12.85 -22.52 3.75
N LEU A 109 11.83 -23.35 3.64
CA LEU A 109 10.53 -23.01 4.26
C LEU A 109 10.57 -23.28 5.74
N GLY A 110 10.14 -22.34 6.55
CA GLY A 110 10.01 -22.62 7.97
C GLY A 110 9.21 -21.53 8.62
N PHE A 111 9.46 -21.32 9.91
CA PHE A 111 8.84 -20.18 10.55
C PHE A 111 9.79 -19.56 11.55
N ALA A 112 9.48 -18.34 11.96
CA ALA A 112 10.31 -17.70 12.98
C ALA A 112 9.41 -17.00 13.97
N VAL A 113 9.95 -16.81 15.18
CA VAL A 113 9.16 -16.38 16.32
C VAL A 113 9.80 -15.13 16.90
N ASN A 114 8.99 -14.09 17.08
CA ASN A 114 9.44 -12.89 17.79
C ASN A 114 9.41 -13.25 19.26
N THR A 115 10.59 -13.38 19.87
CA THR A 115 10.67 -13.95 21.20
C THR A 115 10.30 -12.91 22.24
N GLU A 116 10.46 -11.63 21.90
CA GLU A 116 10.06 -10.58 22.84
C GLU A 116 8.54 -10.56 22.88
N ARG A 117 7.90 -10.74 21.74
CA ARG A 117 6.46 -10.76 21.71
C ARG A 117 5.85 -12.01 22.33
N LEU A 118 6.45 -13.18 22.06
CA LEU A 118 6.01 -14.43 22.66
C LEU A 118 6.00 -14.32 24.19
N LYS A 119 7.10 -13.83 24.74
CA LYS A 119 7.21 -13.53 26.17
C LYS A 119 6.16 -12.52 26.63
N LYS A 120 6.06 -11.39 25.93
CA LYS A 120 5.14 -10.32 26.30
C LYS A 120 3.68 -10.74 26.13
N LEU A 121 3.47 -12.01 25.83
CA LEU A 121 2.14 -12.57 25.60
C LEU A 121 1.92 -13.77 26.55
N GLY A 122 2.95 -14.09 27.32
CA GLY A 122 2.82 -15.10 28.35
C GLY A 122 3.02 -16.54 27.89
N ILE A 123 3.63 -16.75 26.73
CA ILE A 123 3.87 -18.12 26.27
C ILE A 123 5.30 -18.56 26.50
N GLU A 124 5.47 -19.66 27.22
CA GLU A 124 6.77 -20.05 27.72
C GLU A 124 7.69 -20.63 26.65
N LYS A 125 7.17 -21.56 25.86
CA LYS A 125 8.04 -22.29 24.95
C LYS A 125 7.88 -21.85 23.49
N ILE A 126 9.01 -21.83 22.81
CA ILE A 126 9.03 -21.54 21.39
C ILE A 126 8.54 -22.75 20.59
N PRO A 127 7.56 -22.54 19.71
CA PRO A 127 7.09 -23.61 18.82
C PRO A 127 8.26 -24.22 18.06
N GLN A 128 8.28 -25.55 17.93
CA GLN A 128 9.37 -26.28 17.27
C GLN A 128 8.93 -27.09 16.09
N CYS A 129 7.62 -27.29 15.97
CA CYS A 129 7.03 -28.18 14.94
CA CYS A 129 6.98 -28.23 14.88
C CYS A 129 5.93 -27.42 14.21
N TRP A 130 5.63 -27.79 12.98
CA TRP A 130 4.44 -27.27 12.36
C TRP A 130 3.21 -27.48 13.24
N ASN A 131 3.15 -28.66 13.86
CA ASN A 131 2.02 -28.99 14.72
C ASN A 131 1.77 -27.96 15.83
N ASP A 132 2.85 -27.35 16.32
CA ASP A 132 2.72 -26.39 17.41
C ASP A 132 2.02 -25.12 17.01
N LEU A 133 1.93 -24.84 15.70
CA LEU A 133 1.35 -23.57 15.28
C LEU A 133 -0.18 -23.59 15.33
N THR A 134 -0.79 -24.74 15.60
CA THR A 134 -2.26 -24.76 15.70
C THR A 134 -2.72 -24.55 17.13
N ASP A 135 -1.78 -24.34 18.04
CA ASP A 135 -2.10 -24.12 19.47
C ASP A 135 -2.98 -22.88 19.60
N PRO A 136 -4.16 -23.04 20.22
CA PRO A 136 -5.10 -21.93 20.39
C PRO A 136 -4.52 -20.72 21.13
N LYS A 137 -3.44 -20.89 21.88
CA LYS A 137 -2.78 -19.74 22.50
C LYS A 137 -2.18 -18.78 21.48
N LEU A 138 -2.05 -19.23 20.23
CA LEU A 138 -1.53 -18.36 19.17
C LEU A 138 -2.64 -17.74 18.32
N LYS A 139 -3.87 -17.75 18.80
CA LYS A 139 -4.96 -17.10 18.09
C LYS A 139 -4.63 -15.66 17.69
N GLY A 140 -4.77 -15.35 16.41
CA GLY A 140 -4.43 -14.03 15.89
C GLY A 140 -2.97 -13.60 15.97
N GLU A 141 -2.04 -14.55 16.08
CA GLU A 141 -0.65 -14.20 16.30
C GLU A 141 0.31 -14.74 15.25
N ILE A 142 -0.25 -15.29 14.16
CA ILE A 142 0.57 -15.87 13.08
C ILE A 142 0.22 -15.18 11.76
N GLN A 143 1.19 -15.04 10.86
CA GLN A 143 0.88 -14.59 9.50
C GLN A 143 1.58 -15.47 8.47
N ILE A 144 0.90 -15.60 7.33
CA ILE A 144 1.43 -16.31 6.18
C ILE A 144 0.83 -15.63 4.97
N ALA A 145 1.46 -15.78 3.80
CA ALA A 145 0.94 -15.11 2.62
C ALA A 145 -0.21 -15.93 1.96
N ASP A 146 -0.85 -15.25 1.03
CA ASP A 146 -1.96 -15.78 0.22
C ASP A 146 -1.43 -16.40 -1.05
N PRO A 147 -1.74 -17.69 -1.32
CA PRO A 147 -1.17 -18.31 -2.53
C PRO A 147 -1.75 -17.81 -3.86
N GLN A 148 -2.78 -16.97 -3.81
CA GLN A 148 -3.25 -16.36 -5.05
C GLN A 148 -2.19 -15.43 -5.62
N SER A 149 -1.35 -14.86 -4.76
CA SER A 149 -0.32 -13.93 -5.19
C SER A 149 1.07 -14.47 -4.94
N SER A 150 1.21 -15.17 -3.82
CA SER A 150 2.53 -15.54 -3.29
C SER A 150 3.00 -16.96 -3.61
N GLY A 151 4.22 -17.05 -4.14
CA GLY A 151 4.86 -18.32 -4.37
C GLY A 151 5.17 -19.03 -3.06
N THR A 152 5.61 -18.24 -2.06
CA THR A 152 5.91 -18.79 -0.74
C THR A 152 4.74 -19.57 -0.16
N ALA A 153 3.55 -18.97 -0.28
CA ALA A 153 2.36 -19.59 0.28
C ALA A 153 2.10 -20.92 -0.45
N TYR A 154 2.36 -20.96 -1.75
CA TYR A 154 2.12 -22.21 -2.46
C TYR A 154 3.16 -23.27 -2.06
N THR A 155 4.41 -22.84 -1.87
CA THR A 155 5.45 -23.75 -1.43
C THR A 155 5.03 -24.38 -0.10
N ALA A 156 4.40 -23.59 0.79
CA ALA A 156 3.92 -24.16 2.03
C ALA A 156 2.83 -25.19 1.79
N ILE A 157 1.80 -24.85 1.00
CA ILE A 157 0.74 -25.82 0.71
C ILE A 157 1.29 -27.11 0.10
N ALA A 158 2.17 -26.97 -0.87
CA ALA A 158 2.75 -28.15 -1.49
C ALA A 158 3.63 -28.97 -0.54
N THR A 159 4.33 -28.27 0.37
CA THR A 159 5.15 -28.96 1.34
C THR A 159 4.25 -29.77 2.26
N PHE A 160 3.19 -29.13 2.71
CA PHE A 160 2.27 -29.82 3.63
C PHE A 160 1.63 -31.03 2.92
N ALA A 161 1.27 -30.88 1.65
CA ALA A 161 0.69 -32.02 0.92
C ALA A 161 1.68 -33.16 0.79
N GLN A 162 2.94 -32.81 0.58
CA GLN A 162 3.96 -33.82 0.45
C GLN A 162 4.27 -34.48 1.79
N LEU A 163 4.27 -33.72 2.89
CA LEU A 163 4.49 -34.31 4.22
C LEU A 163 3.40 -35.25 4.63
N TRP A 164 2.16 -34.77 4.55
CA TRP A 164 1.05 -35.44 5.26
C TRP A 164 0.00 -36.01 4.36
N GLY A 165 0.13 -35.74 3.07
CA GLY A 165 -0.95 -36.04 2.14
C GLY A 165 -1.90 -34.86 2.04
N GLU A 166 -2.60 -34.77 0.92
CA GLU A 166 -3.44 -33.61 0.68
C GLU A 166 -4.57 -33.42 1.68
N ASP A 167 -5.27 -34.49 2.05
CA ASP A 167 -6.36 -34.32 3.01
C ASP A 167 -5.88 -33.77 4.33
N LYS A 168 -4.88 -34.46 4.78
CA LYS A 168 -4.40 -33.87 6.19
CA LYS A 168 -4.36 -33.89 6.19
CA LYS A 168 -4.42 -33.92 6.04
C LYS A 168 -3.73 -32.41 6.12
N ALA A 169 -3.24 -32.16 4.87
CA ALA A 169 -2.67 -30.80 4.69
C ALA A 169 -3.79 -29.78 4.80
N PHE A 170 -4.94 -30.11 4.22
CA PHE A 170 -6.00 -29.16 4.31
C PHE A 170 -6.64 -29.19 5.72
N ASP A 171 -6.55 -30.30 6.42
CA ASP A 171 -6.90 -30.31 7.85
C ASP A 171 -6.00 -29.35 8.60
N TYR A 172 -4.70 -29.41 8.30
CA TYR A 172 -3.77 -28.51 8.97
C TYR A 172 -4.11 -27.06 8.69
N PHE A 173 -4.39 -26.71 7.44
CA PHE A 173 -4.66 -25.32 7.17
CA PHE A 173 -4.70 -25.34 7.12
C PHE A 173 -5.95 -24.88 7.85
N LYS A 174 -6.89 -25.79 8.06
CA LYS A 174 -8.12 -25.46 8.75
C LYS A 174 -7.84 -25.13 10.19
N HIS A 175 -6.88 -25.84 10.76
CA HIS A 175 -6.54 -25.62 12.15
C HIS A 175 -5.61 -24.42 12.33
N LEU A 176 -4.86 -24.10 11.29
CA LEU A 176 -3.97 -22.96 11.34
C LEU A 176 -4.76 -21.65 11.18
N HIS A 177 -5.81 -21.71 10.40
CA HIS A 177 -6.58 -20.52 10.03
C HIS A 177 -7.00 -19.55 11.16
N PRO A 178 -7.60 -20.06 12.26
CA PRO A 178 -7.96 -19.19 13.38
C PRO A 178 -6.78 -18.46 13.99
N ASN A 179 -5.59 -18.97 13.75
CA ASN A 179 -4.42 -18.34 14.34
C ASN A 179 -3.80 -17.30 13.42
N ILE A 180 -4.28 -17.22 12.19
CA ILE A 180 -3.75 -16.25 11.22
C ILE A 180 -4.45 -14.89 11.38
N SER A 181 -3.69 -13.86 11.71
CA SER A 181 -4.32 -12.54 11.76
C SER A 181 -4.59 -11.93 10.38
N GLN A 182 -3.63 -12.11 9.45
CA GLN A 182 -3.69 -11.52 8.12
C GLN A 182 -3.05 -12.48 7.16
N TYR A 183 -3.70 -12.74 6.04
CA TYR A 183 -3.03 -13.37 4.89
C TYR A 183 -2.46 -12.25 4.04
N THR A 184 -1.16 -12.26 3.86
CA THR A 184 -0.51 -11.13 3.23
C THR A 184 -0.39 -11.35 1.74
N LYS A 185 -0.20 -10.28 0.99
CA LYS A 185 -0.08 -10.41 -0.45
C LYS A 185 1.30 -10.97 -0.79
N SER A 186 2.32 -10.42 -0.13
CA SER A 186 3.71 -10.81 -0.38
C SER A 186 4.20 -11.87 0.58
N GLY A 187 5.01 -12.79 0.06
CA GLY A 187 5.58 -13.85 0.89
C GLY A 187 6.36 -13.34 2.08
N ILE A 188 7.08 -12.24 1.89
CA ILE A 188 8.03 -11.73 2.89
C ILE A 188 7.34 -10.92 4.00
N THR A 189 6.10 -10.51 3.77
CA THR A 189 5.48 -9.63 4.75
C THR A 189 5.36 -10.20 6.19
N PRO A 190 5.06 -11.50 6.38
CA PRO A 190 5.10 -12.06 7.74
C PRO A 190 6.46 -11.86 8.43
N ALA A 191 7.56 -11.96 7.67
CA ALA A 191 8.89 -11.75 8.25
C ALA A 191 9.05 -10.33 8.72
N ARG A 192 8.57 -9.40 7.91
CA ARG A 192 8.68 -7.99 8.27
C ARG A 192 7.80 -7.68 9.45
N ASN A 193 6.58 -8.23 9.46
CA ASN A 193 5.70 -7.94 10.58
C ASN A 193 6.20 -8.60 11.85
N ALA A 194 6.76 -9.81 11.77
CA ALA A 194 7.32 -10.47 12.96
C ALA A 194 8.51 -9.66 13.45
N ALA A 195 9.33 -9.14 12.54
CA ALA A 195 10.50 -8.35 12.97
C ALA A 195 10.08 -7.08 13.70
N ARG A 196 9.00 -6.47 13.23
CA ARG A 196 8.40 -5.24 13.76
CA ARG A 196 8.56 -5.22 13.81
C ARG A 196 7.69 -5.47 15.06
N GLY A 197 7.48 -6.73 15.40
CA GLY A 197 6.69 -7.08 16.58
C GLY A 197 5.20 -6.85 16.41
N GLU A 198 4.72 -6.89 15.17
CA GLU A 198 3.29 -6.75 14.93
C GLU A 198 2.63 -8.13 14.97
N THR A 199 3.41 -9.17 14.70
CA THR A 199 2.88 -10.53 14.80
CA THR A 199 2.89 -10.52 14.84
C THR A 199 3.92 -11.36 15.56
N THR A 200 3.52 -12.51 16.05
CA THR A 200 4.43 -13.31 16.86
C THR A 200 5.15 -14.36 16.04
N VAL A 201 4.44 -14.99 15.10
CA VAL A 201 5.05 -16.02 14.25
C VAL A 201 4.85 -15.68 12.79
N GLY A 202 5.92 -15.74 12.01
CA GLY A 202 5.74 -15.61 10.57
C GLY A 202 6.14 -16.92 9.92
N ILE A 203 5.38 -17.34 8.92
CA ILE A 203 5.74 -18.52 8.11
C ILE A 203 6.25 -18.04 6.76
N GLY A 204 7.40 -18.54 6.34
CA GLY A 204 7.95 -18.07 5.08
C GLY A 204 9.31 -18.68 4.84
N PHE A 205 10.16 -17.98 4.08
CA PHE A 205 11.47 -18.55 3.80
C PHE A 205 12.48 -17.99 4.78
N LEU A 206 13.24 -18.89 5.37
CA LEU A 206 14.01 -18.52 6.55
C LEU A 206 15.05 -17.49 6.25
N HIS A 207 15.58 -17.42 5.04
CA HIS A 207 16.62 -16.40 4.79
C HIS A 207 16.09 -14.98 4.96
N ASP A 208 14.78 -14.76 4.79
CA ASP A 208 14.23 -13.40 4.99
C ASP A 208 14.22 -13.08 6.46
N TYR A 209 13.94 -14.10 7.27
CA TYR A 209 13.97 -13.93 8.71
C TYR A 209 15.41 -13.76 9.19
N ALA A 210 16.35 -14.43 8.52
CA ALA A 210 17.77 -14.34 8.90
C ALA A 210 18.29 -12.92 8.69
N LEU A 211 17.88 -12.31 7.58
CA LEU A 211 18.26 -10.92 7.32
C LEU A 211 17.71 -10.00 8.39
N GLU A 212 16.44 -10.16 8.77
CA GLU A 212 15.84 -9.31 9.82
C GLU A 212 16.56 -9.49 11.15
N LYS A 213 16.88 -10.75 11.47
CA LYS A 213 17.63 -11.06 12.68
C LYS A 213 19.02 -10.40 12.62
N GLU A 214 19.67 -10.43 11.46
CA GLU A 214 21.02 -9.83 11.32
C GLU A 214 20.97 -8.33 11.54
N GLN A 215 19.82 -7.73 11.24
CA GLN A 215 19.58 -6.30 11.43
C GLN A 215 19.06 -5.94 12.81
N GLY A 216 18.98 -6.89 13.73
CA GLY A 216 18.57 -6.59 15.09
C GLY A 216 17.21 -7.06 15.58
N ALA A 217 16.43 -7.74 14.74
CA ALA A 217 15.12 -8.19 15.19
C ALA A 217 15.20 -9.34 16.14
N PRO A 218 14.34 -9.37 17.17
CA PRO A 218 14.43 -10.47 18.14
C PRO A 218 13.71 -11.70 17.65
N LEU A 219 14.28 -12.35 16.65
CA LEU A 219 13.63 -13.50 16.01
C LEU A 219 14.40 -14.78 16.24
N GLU A 220 13.67 -15.85 16.49
CA GLU A 220 14.24 -17.19 16.55
C GLU A 220 13.73 -18.00 15.35
N MET A 221 14.64 -18.41 14.49
CA MET A 221 14.26 -19.19 13.31
C MET A 221 14.10 -20.66 13.66
N VAL A 222 13.09 -21.28 13.07
CA VAL A 222 12.79 -22.68 13.30
C VAL A 222 12.69 -23.46 12.00
N VAL A 223 13.48 -24.53 11.89
CA VAL A 223 13.28 -25.54 10.85
C VAL A 223 12.40 -26.59 11.52
N PRO A 224 11.12 -26.67 11.13
CA PRO A 224 10.19 -27.52 11.92
C PRO A 224 10.61 -28.97 12.04
N CYS A 225 10.32 -29.56 13.20
CA CYS A 225 10.80 -30.88 13.55
CA CYS A 225 10.86 -30.88 13.50
C CYS A 225 10.31 -31.99 12.61
N GLU A 226 9.15 -31.80 11.99
CA GLU A 226 8.60 -32.83 11.10
C GLU A 226 9.34 -32.89 9.77
N GLY A 227 10.10 -31.86 9.48
CA GLY A 227 10.69 -31.71 8.15
C GLY A 227 10.06 -30.56 7.41
N THR A 228 10.69 -30.12 6.32
CA THR A 228 10.15 -29.00 5.59
C THR A 228 10.58 -29.07 4.14
N GLY A 229 10.03 -28.14 3.37
CA GLY A 229 10.37 -28.04 1.97
C GLY A 229 11.18 -26.78 1.73
N TYR A 230 11.20 -26.37 0.47
CA TYR A 230 12.05 -25.28 0.02
C TYR A 230 11.58 -24.81 -1.35
N GLU A 231 11.90 -23.55 -1.65
CA GLU A 231 11.81 -23.06 -3.02
C GLU A 231 13.13 -23.25 -3.72
N LEU A 232 13.07 -23.42 -5.05
CA LEU A 232 14.15 -22.99 -5.90
C LEU A 232 13.73 -21.67 -6.48
N GLY A 233 14.62 -20.68 -6.44
CA GLY A 233 14.36 -19.42 -7.12
C GLY A 233 14.51 -19.68 -8.60
N GLY A 234 13.59 -19.18 -9.43
CA GLY A 234 13.67 -19.50 -10.86
C GLY A 234 14.12 -18.33 -11.69
N VAL A 235 14.76 -18.62 -12.83
CA VAL A 235 14.91 -17.62 -13.89
C VAL A 235 14.43 -18.29 -15.19
N SER A 236 13.66 -17.53 -15.97
CA SER A 236 13.04 -18.05 -17.20
C SER A 236 12.95 -16.94 -18.23
N ILE A 237 13.16 -17.30 -19.50
CA ILE A 237 12.93 -16.38 -20.62
C ILE A 237 11.52 -16.52 -21.12
N LEU A 238 10.84 -15.40 -21.35
CA LEU A 238 9.47 -15.43 -21.85
C LEU A 238 9.46 -15.75 -23.33
N LYS A 239 8.49 -16.56 -23.74
CA LYS A 239 8.28 -16.81 -25.17
C LYS A 239 7.87 -15.50 -25.81
N GLY A 240 8.51 -15.15 -26.92
CA GLY A 240 8.24 -13.86 -27.53
C GLY A 240 9.00 -12.67 -26.94
N ALA A 241 10.00 -12.94 -26.08
CA ALA A 241 10.85 -11.89 -25.56
C ALA A 241 11.35 -10.99 -26.69
N ARG A 242 11.19 -9.68 -26.57
CA ARG A 242 11.67 -8.80 -27.66
C ARG A 242 13.18 -8.69 -27.68
N ASN A 243 13.79 -8.88 -26.53
CA ASN A 243 15.26 -8.78 -26.43
C ASN A 243 15.87 -10.13 -26.09
N LEU A 244 15.78 -11.10 -27.00
CA LEU A 244 16.12 -12.50 -26.69
C LEU A 244 17.61 -12.68 -26.36
N ASP A 245 18.50 -12.10 -27.15
CA ASP A 245 19.92 -12.28 -26.84
C ASP A 245 20.28 -11.70 -25.47
N ASN A 246 19.73 -10.55 -25.12
CA ASN A 246 20.01 -9.96 -23.82
C ASN A 246 19.37 -10.78 -22.70
N ALA A 247 18.26 -11.43 -22.98
CA ALA A 247 17.61 -12.31 -22.00
C ALA A 247 18.50 -13.51 -21.72
N LYS A 248 19.07 -14.08 -22.78
CA LYS A 248 20.00 -15.18 -22.57
C LYS A 248 21.23 -14.74 -21.78
N LEU A 249 21.72 -13.54 -22.04
CA LEU A 249 22.86 -13.00 -21.33
C LEU A 249 22.52 -12.84 -19.84
N PHE A 250 21.29 -12.42 -19.57
CA PHE A 250 20.88 -12.26 -18.17
C PHE A 250 20.73 -13.62 -17.51
N VAL A 251 20.19 -14.62 -18.21
CA VAL A 251 20.14 -15.97 -17.61
C VAL A 251 21.57 -16.45 -17.25
N ASP A 252 22.50 -16.28 -18.19
CA ASP A 252 23.90 -16.60 -17.88
C ASP A 252 24.33 -15.89 -16.60
N PHE A 253 24.06 -14.59 -16.51
CA PHE A 253 24.52 -13.80 -15.37
C PHE A 253 23.87 -14.30 -14.07
N ALA A 254 22.59 -14.57 -14.13
CA ALA A 254 21.86 -15.03 -12.96
C ALA A 254 22.35 -16.37 -12.43
N LEU A 255 22.88 -17.20 -13.34
CA LEU A 255 23.41 -18.50 -12.98
C LEU A 255 24.88 -18.47 -12.73
N SER A 256 25.53 -17.34 -12.94
CA SER A 256 26.98 -17.21 -12.76
C SER A 256 27.43 -17.06 -11.32
N LYS A 257 28.72 -17.32 -11.10
CA LYS A 257 29.32 -17.12 -9.78
C LYS A 257 29.10 -15.69 -9.31
N GLU A 258 29.44 -14.70 -10.14
CA GLU A 258 29.31 -13.27 -9.83
CA GLU A 258 29.32 -13.36 -9.62
C GLU A 258 27.88 -12.85 -9.57
N GLY A 259 26.99 -13.33 -10.43
CA GLY A 259 25.60 -12.93 -10.33
C GLY A 259 24.93 -13.45 -9.08
N GLN A 260 25.30 -14.66 -8.66
CA GLN A 260 24.72 -15.23 -7.47
C GLN A 260 25.36 -14.63 -6.22
N GLU A 261 26.69 -14.52 -6.22
CA GLU A 261 27.35 -13.93 -5.06
C GLU A 261 26.87 -12.50 -4.78
N THR A 262 26.59 -11.73 -5.82
CA THR A 262 26.20 -10.34 -5.57
C THR A 262 24.88 -10.25 -4.80
N ALA A 263 24.03 -11.28 -4.89
CA ALA A 263 22.78 -11.28 -4.13
C ALA A 263 23.00 -11.06 -2.64
N TRP A 264 23.96 -11.79 -2.05
CA TRP A 264 24.21 -11.61 -0.63
C TRP A 264 25.29 -10.59 -0.38
N LYS A 265 26.20 -10.39 -1.30
CA LYS A 265 27.24 -9.37 -1.05
C LYS A 265 26.71 -7.94 -1.12
N LYS A 266 25.80 -7.69 -2.04
CA LYS A 266 25.27 -6.35 -2.25
C LYS A 266 23.73 -6.29 -2.26
N GLY A 267 23.06 -7.40 -2.60
CA GLY A 267 21.62 -7.35 -2.78
C GLY A 267 20.75 -7.67 -1.56
N GLN A 268 21.39 -7.76 -0.39
CA GLN A 268 20.67 -8.01 0.86
C GLN A 268 19.72 -9.19 0.76
N ALA A 269 20.22 -10.28 0.18
CA ALA A 269 19.41 -11.45 -0.06
C ALA A 269 20.24 -12.69 0.29
N LEU A 270 19.79 -13.44 1.31
CA LEU A 270 20.63 -14.46 1.92
C LEU A 270 20.22 -15.88 1.56
N GLN A 271 19.65 -16.05 0.36
CA GLN A 271 19.34 -17.41 -0.08
C GLN A 271 20.62 -18.23 -0.28
N THR A 272 20.46 -19.56 -0.24
CA THR A 272 21.56 -20.45 -0.56
C THR A 272 21.71 -20.50 -2.07
N LEU A 273 22.95 -20.38 -2.54
CA LEU A 273 23.24 -20.27 -3.98
C LEU A 273 23.32 -21.64 -4.60
N THR A 274 22.85 -21.75 -5.84
CA THR A 274 22.87 -23.03 -6.55
C THR A 274 24.15 -23.25 -7.34
N ASN A 275 24.91 -22.20 -7.60
CA ASN A 275 26.17 -22.34 -8.33
C ASN A 275 27.26 -22.88 -7.38
N THR A 276 27.77 -24.08 -7.68
CA THR A 276 28.69 -24.78 -6.78
C THR A 276 30.05 -24.11 -6.69
N THR A 277 30.32 -23.17 -7.59
CA THR A 277 31.58 -22.41 -7.50
C THR A 277 31.43 -21.11 -6.74
N ALA A 278 30.21 -20.75 -6.34
CA ALA A 278 29.99 -19.47 -5.65
C ALA A 278 30.26 -19.57 -4.16
N GLU A 279 30.83 -18.50 -3.60
CA GLU A 279 30.94 -18.38 -2.16
C GLU A 279 29.54 -18.12 -1.58
N GLN A 280 29.17 -18.90 -0.57
CA GLN A 280 27.89 -18.70 0.13
C GLN A 280 28.01 -17.62 1.20
N SER A 281 26.93 -16.89 1.44
CA SER A 281 26.85 -16.09 2.67
C SER A 281 27.09 -16.93 3.92
N PRO A 282 27.81 -16.38 4.89
CA PRO A 282 27.96 -17.10 6.17
C PRO A 282 26.61 -17.34 6.85
N LEU A 283 25.56 -16.60 6.43
CA LEU A 283 24.22 -16.74 7.01
C LEU A 283 23.34 -17.72 6.23
N ALA A 284 23.84 -18.22 5.10
CA ALA A 284 22.99 -19.06 4.27
C ALA A 284 22.80 -20.41 4.94
N PHE A 285 21.63 -21.02 4.74
CA PHE A 285 21.43 -22.36 5.24
C PHE A 285 22.17 -23.39 4.40
N ASP A 286 22.61 -24.45 5.06
CA ASP A 286 23.32 -25.57 4.44
C ASP A 286 22.36 -26.73 4.38
N LEU A 287 21.99 -27.12 3.16
CA LEU A 287 20.95 -28.12 2.97
C LEU A 287 21.33 -29.45 3.57
N THR A 288 22.63 -29.75 3.61
CA THR A 288 23.04 -31.07 4.11
C THR A 288 22.79 -31.20 5.61
N LYS A 289 22.53 -30.10 6.30
CA LYS A 289 22.30 -30.13 7.74
C LYS A 289 20.82 -30.15 8.12
N LEU A 290 19.94 -30.15 7.13
CA LEU A 290 18.51 -29.94 7.39
C LEU A 290 17.67 -31.16 7.00
N LYS A 291 16.56 -31.32 7.71
CA LYS A 291 15.56 -32.34 7.44
C LYS A 291 14.62 -31.81 6.38
N LEU A 292 15.00 -32.05 5.11
CA LEU A 292 14.21 -31.57 3.99
C LEU A 292 13.55 -32.71 3.25
N ILE A 293 12.32 -32.50 2.84
CA ILE A 293 11.72 -33.43 1.88
C ILE A 293 12.38 -33.30 0.52
N ASP A 294 12.18 -34.31 -0.32
CA ASP A 294 12.65 -34.24 -1.70
C ASP A 294 11.51 -33.58 -2.47
N TYR A 295 11.53 -32.24 -2.47
CA TYR A 295 10.39 -31.48 -2.97
C TYR A 295 10.24 -31.77 -4.46
N ASP A 296 9.02 -32.17 -4.83
CA ASP A 296 8.77 -32.65 -6.19
C ASP A 296 8.35 -31.52 -7.09
N PHE A 297 9.30 -30.82 -7.68
CA PHE A 297 8.96 -29.67 -8.50
C PHE A 297 8.22 -30.07 -9.76
N GLU A 298 8.51 -31.25 -10.30
CA GLU A 298 7.86 -31.69 -11.52
C GLU A 298 6.38 -31.86 -11.27
N LYS A 299 6.05 -32.34 -10.09
CA LYS A 299 4.64 -32.58 -9.76
C LYS A 299 3.89 -31.32 -9.34
N TYR A 300 4.51 -30.51 -8.47
CA TYR A 300 3.79 -29.36 -7.94
C TYR A 300 3.93 -28.11 -8.80
N GLY A 301 4.89 -28.09 -9.71
CA GLY A 301 5.01 -26.99 -10.67
C GLY A 301 4.24 -27.32 -11.95
N ALA A 302 2.94 -27.52 -11.77
CA ALA A 302 2.10 -28.00 -12.85
C ALA A 302 0.68 -27.53 -12.61
N SER A 303 -0.09 -27.37 -13.68
CA SER A 303 -1.42 -26.82 -13.52
C SER A 303 -2.33 -27.64 -12.67
N ASP A 304 -2.17 -28.96 -12.70
CA ASP A 304 -3.17 -29.79 -12.01
C ASP A 304 -2.99 -29.42 -10.56
N GLU A 305 -1.78 -29.51 -10.03
CA GLU A 305 -1.59 -29.26 -8.61
C GLU A 305 -1.72 -27.78 -8.27
N ARG A 306 -1.16 -26.87 -9.09
CA ARG A 306 -1.24 -25.48 -8.70
CA ARG A 306 -1.23 -25.44 -8.82
C ARG A 306 -2.66 -24.91 -8.77
N LYS A 307 -3.41 -25.10 -9.85
CA LYS A 307 -4.78 -24.61 -9.87
C LYS A 307 -5.60 -25.31 -8.83
N ARG A 308 -5.45 -26.63 -8.77
CA ARG A 308 -6.37 -27.37 -7.94
C ARG A 308 -6.13 -27.06 -6.46
N LEU A 309 -4.88 -27.06 -6.00
CA LEU A 309 -4.63 -26.75 -4.59
C LEU A 309 -4.95 -25.32 -4.22
N ILE A 310 -4.61 -24.36 -5.08
CA ILE A 310 -4.90 -22.99 -4.75
C ILE A 310 -6.40 -22.74 -4.76
N ASN A 311 -7.13 -23.27 -5.72
CA ASN A 311 -8.57 -23.01 -5.68
CA ASN A 311 -8.59 -23.12 -5.73
C ASN A 311 -9.20 -23.70 -4.46
N LYS A 312 -8.67 -24.85 -4.09
CA LYS A 312 -9.15 -25.57 -2.94
C LYS A 312 -8.89 -24.77 -1.65
N TRP A 313 -7.72 -24.14 -1.58
CA TRP A 313 -7.36 -23.30 -0.45
C TRP A 313 -8.30 -22.09 -0.30
N VAL A 314 -8.56 -21.45 -1.44
CA VAL A 314 -9.42 -20.28 -1.48
C VAL A 314 -10.79 -20.69 -1.02
N ASP A 315 -11.27 -21.83 -1.52
CA ASP A 315 -12.65 -22.24 -1.26
C ASP A 315 -12.89 -22.64 0.18
N GLU A 316 -11.94 -23.35 0.74
CA GLU A 316 -12.19 -23.99 2.01
C GLU A 316 -11.58 -23.18 3.13
N ILE A 317 -10.34 -22.76 2.95
CA ILE A 317 -9.62 -22.23 4.08
C ILE A 317 -10.08 -20.82 4.41
N LYS A 318 -10.49 -20.03 3.43
CA LYS A 318 -10.93 -18.71 3.83
C LYS A 318 -12.38 -18.36 3.48
N LEU A 319 -12.91 -18.89 2.39
CA LEU A 319 -14.27 -18.53 2.01
C LEU A 319 -15.29 -19.21 2.92
N ALA A 320 -15.38 -20.53 2.84
CA ALA A 320 -16.43 -21.25 3.52
C ALA A 320 -15.88 -22.35 4.42
N LYS A 321 -15.60 -22.00 5.69
CA LYS A 321 -15.67 -20.63 6.18
C LYS A 321 -14.58 -20.36 7.22
N SER B 2 14.18 -0.10 4.78
CA SER B 2 14.81 -1.35 4.36
C SER B 2 13.77 -2.46 4.24
N LYS B 3 12.49 -2.10 4.13
CA LYS B 3 11.42 -3.08 4.09
CA LYS B 3 11.42 -3.09 4.08
C LYS B 3 10.36 -2.75 3.04
N GLY B 4 10.82 -2.56 1.81
CA GLY B 4 9.91 -2.32 0.71
C GLY B 4 9.63 -0.85 0.50
N ARG B 5 8.55 -0.55 -0.23
CA ARG B 5 8.31 0.79 -0.71
C ARG B 5 6.85 1.19 -0.52
N LEU B 6 6.57 2.48 -0.58
CA LEU B 6 5.18 2.95 -0.55
C LEU B 6 5.12 4.29 -1.22
N VAL B 7 4.18 4.45 -2.15
CA VAL B 7 3.96 5.74 -2.78
C VAL B 7 2.57 6.26 -2.36
N ILE B 8 2.56 7.48 -1.83
CA ILE B 8 1.32 8.06 -1.30
C ILE B 8 0.88 9.19 -2.19
N TYR B 9 -0.39 9.21 -2.53
CA TYR B 9 -0.98 10.44 -3.09
C TYR B 9 -1.59 11.18 -1.90
N CYS B 10 -1.05 12.35 -1.56
CA CYS B 10 -1.46 13.07 -0.36
C CYS B 10 -2.31 14.25 -0.77
N SER B 11 -3.39 14.51 -0.02
CA SER B 11 -4.22 15.68 -0.32
C SER B 11 -4.39 16.59 0.88
N ALA B 12 -3.65 16.35 1.96
CA ALA B 12 -3.60 17.28 3.08
C ALA B 12 -2.48 18.30 2.82
N THR B 13 -2.09 19.12 3.81
CA THR B 13 -1.03 20.07 3.52
C THR B 13 0.34 19.40 3.40
N ASN B 14 1.25 20.02 2.64
CA ASN B 14 2.56 19.42 2.48
C ASN B 14 3.22 19.10 3.81
N VAL B 15 3.13 19.97 4.82
CA VAL B 15 3.78 19.70 6.09
C VAL B 15 3.19 18.49 6.77
N MET B 16 1.88 18.30 6.63
CA MET B 16 1.22 17.19 7.30
CA MET B 16 1.27 17.20 7.34
C MET B 16 1.62 15.89 6.60
N CYS B 17 1.63 15.93 5.26
CA CYS B 17 2.00 14.76 4.42
C CYS B 17 3.43 14.36 4.67
N GLU B 18 4.32 15.34 4.64
CA GLU B 18 5.74 15.10 4.85
C GLU B 18 5.99 14.48 6.18
N ASN B 19 5.32 14.97 7.23
CA ASN B 19 5.51 14.44 8.55
C ASN B 19 4.96 13.03 8.66
N ALA B 20 3.83 12.78 8.00
CA ALA B 20 3.24 11.45 8.03
C ALA B 20 4.15 10.46 7.30
N ALA B 21 4.67 10.86 6.14
CA ALA B 21 5.55 9.97 5.37
C ALA B 21 6.85 9.68 6.13
N LYS B 22 7.46 10.73 6.69
CA LYS B 22 8.74 10.53 7.37
C LYS B 22 8.56 9.74 8.65
N THR B 23 7.47 9.98 9.36
CA THR B 23 7.18 9.28 10.60
C THR B 23 6.90 7.82 10.31
N PHE B 24 6.21 7.58 9.20
CA PHE B 24 5.91 6.23 8.79
C PHE B 24 7.20 5.49 8.45
N GLU B 25 8.06 6.11 7.61
CA GLU B 25 9.30 5.50 7.18
C GLU B 25 10.23 5.22 8.37
N GLN B 26 10.32 6.16 9.29
CA GLN B 26 11.19 5.98 10.45
C GLN B 26 10.69 4.87 11.38
N LYS B 27 9.38 4.72 11.49
CA LYS B 27 8.81 3.69 12.36
C LYS B 27 8.83 2.28 11.73
N TYR B 28 8.56 2.19 10.43
CA TYR B 28 8.38 0.89 9.78
C TYR B 28 9.45 0.52 8.78
N ASP B 29 10.43 1.37 8.60
CA ASP B 29 11.43 1.18 7.59
C ASP B 29 11.00 1.03 6.15
N VAL B 30 9.82 1.55 5.81
CA VAL B 30 9.39 1.55 4.43
C VAL B 30 9.88 2.82 3.69
N LYS B 31 10.52 2.65 2.54
CA LYS B 31 10.91 3.77 1.69
C LYS B 31 9.67 4.49 1.16
N THR B 32 9.31 5.60 1.80
CA THR B 32 8.01 6.23 1.57
C THR B 32 8.17 7.56 0.84
N SER B 33 7.42 7.74 -0.24
CA SER B 33 7.42 9.01 -0.95
C SER B 33 5.98 9.47 -1.11
N PHE B 34 5.79 10.75 -1.37
CA PHE B 34 4.43 11.22 -1.62
C PHE B 34 4.42 12.32 -2.69
N ILE B 35 3.25 12.50 -3.29
CA ILE B 35 2.96 13.55 -4.24
C ILE B 35 1.69 14.22 -3.68
N ARG B 36 1.74 15.51 -3.39
CA ARG B 36 0.59 16.30 -2.98
C ARG B 36 -0.18 16.96 -4.11
N ASN B 37 -1.50 16.83 -4.04
CA ASN B 37 -2.40 17.54 -4.91
C ASN B 37 -3.79 17.61 -4.28
N GLY B 38 -4.63 18.45 -4.87
CA GLY B 38 -5.93 18.66 -4.25
C GLY B 38 -6.79 17.41 -4.30
N SER B 39 -7.85 17.40 -3.51
CA SER B 39 -8.70 16.22 -3.41
C SER B 39 -9.32 15.88 -4.76
N GLY B 40 -9.84 16.90 -5.45
CA GLY B 40 -10.44 16.76 -6.77
C GLY B 40 -9.39 16.42 -7.83
N SER B 41 -8.27 17.14 -7.78
CA SER B 41 -7.16 16.86 -8.68
C SER B 41 -6.66 15.42 -8.57
N THR B 42 -6.54 14.93 -7.34
CA THR B 42 -6.07 13.57 -7.12
C THR B 42 -7.05 12.54 -7.62
N PHE B 43 -8.36 12.76 -7.45
CA PHE B 43 -9.36 11.87 -8.00
C PHE B 43 -9.14 11.74 -9.51
N ALA B 44 -8.92 12.87 -10.17
CA ALA B 44 -8.81 12.84 -11.64
C ALA B 44 -7.56 12.07 -12.07
N LYS B 45 -6.50 12.19 -11.29
CA LYS B 45 -5.25 11.51 -11.59
C LYS B 45 -5.41 10.02 -11.40
N ILE B 46 -6.03 9.64 -10.28
CA ILE B 46 -6.26 8.23 -10.01
C ILE B 46 -7.13 7.58 -11.08
N GLU B 47 -8.18 8.30 -11.51
CA GLU B 47 -9.09 7.75 -12.52
C GLU B 47 -8.34 7.62 -13.87
N ALA B 48 -7.53 8.61 -14.19
CA ALA B 48 -6.78 8.54 -15.46
C ALA B 48 -5.80 7.36 -15.46
N GLU B 49 -5.23 7.06 -14.31
CA GLU B 49 -4.16 6.06 -14.17
C GLU B 49 -4.68 4.66 -13.84
N LYS B 50 -5.99 4.44 -13.93
CA LYS B 50 -6.60 3.26 -13.32
C LYS B 50 -6.15 1.93 -13.91
N ASN B 51 -5.67 1.96 -15.16
CA ASN B 51 -5.20 0.73 -15.80
C ASN B 51 -3.75 0.41 -15.45
N ASN B 52 -3.06 1.36 -14.86
CA ASN B 52 -1.71 1.12 -14.34
C ASN B 52 -1.42 2.05 -13.19
N PRO B 53 -2.03 1.77 -12.03
CA PRO B 53 -1.99 2.70 -10.89
C PRO B 53 -0.57 3.06 -10.48
N GLN B 54 -0.34 4.35 -10.24
CA GLN B 54 1.00 4.86 -9.95
C GLN B 54 1.28 5.16 -8.48
N ALA B 55 0.27 5.00 -7.62
CA ALA B 55 0.43 5.11 -6.17
C ALA B 55 -0.24 3.96 -5.46
N ASP B 56 0.03 3.86 -4.17
CA ASP B 56 -0.53 2.79 -3.37
C ASP B 56 -1.69 3.23 -2.50
N VAL B 57 -1.57 4.42 -1.93
CA VAL B 57 -2.59 4.88 -0.99
CA VAL B 57 -2.53 4.89 -0.94
C VAL B 57 -2.87 6.35 -1.22
N TRP B 58 -4.09 6.75 -0.92
CA TRP B 58 -4.52 8.12 -1.03
C TRP B 58 -4.79 8.60 0.38
N TYR B 59 -4.05 9.61 0.84
CA TYR B 59 -4.16 10.04 2.23
C TYR B 59 -4.51 11.52 2.35
N GLY B 60 -5.51 11.82 3.16
CA GLY B 60 -5.90 13.19 3.44
C GLY B 60 -6.74 13.76 2.31
N GLY B 61 -7.07 15.04 2.45
CA GLY B 61 -8.08 15.64 1.61
C GLY B 61 -9.44 15.17 2.02
N THR B 62 -10.46 15.67 1.36
CA THR B 62 -11.82 15.39 1.78
C THR B 62 -12.30 14.00 1.33
N LEU B 63 -13.30 13.52 2.05
CA LEU B 63 -13.78 12.18 1.80
C LEU B 63 -14.56 12.09 0.51
N ASP B 64 -15.26 13.16 0.11
CA ASP B 64 -16.22 13.01 -1.01
C ASP B 64 -15.61 12.41 -2.29
N PRO B 65 -14.45 12.93 -2.76
CA PRO B 65 -13.86 12.33 -3.97
C PRO B 65 -13.35 10.89 -3.72
N GLN B 66 -12.96 10.56 -2.49
CA GLN B 66 -12.52 9.20 -2.21
C GLN B 66 -13.74 8.26 -2.25
N SER B 67 -14.84 8.73 -1.70
CA SER B 67 -16.09 7.97 -1.77
C SER B 67 -16.55 7.76 -3.20
N GLN B 68 -16.35 8.79 -4.03
CA GLN B 68 -16.67 8.67 -5.46
C GLN B 68 -15.74 7.64 -6.12
N ALA B 69 -14.46 7.67 -5.78
CA ALA B 69 -13.50 6.71 -6.31
C ALA B 69 -13.90 5.29 -5.94
N GLY B 70 -14.41 5.12 -4.73
CA GLY B 70 -14.83 3.80 -4.27
C GLY B 70 -16.00 3.31 -5.11
N GLU B 71 -16.94 4.21 -5.37
CA GLU B 71 -18.11 3.91 -6.21
C GLU B 71 -17.67 3.44 -7.60
N LEU B 72 -16.58 4.00 -8.11
CA LEU B 72 -16.12 3.74 -9.47
C LEU B 72 -15.17 2.58 -9.57
N GLY B 73 -14.86 1.92 -8.45
CA GLY B 73 -14.02 0.72 -8.50
C GLY B 73 -12.54 1.01 -8.53
N LEU B 74 -12.15 2.19 -8.05
CA LEU B 74 -10.75 2.61 -8.10
C LEU B 74 -9.93 2.24 -6.86
N LEU B 75 -10.65 1.72 -5.87
CA LEU B 75 -10.12 1.46 -4.54
C LEU B 75 -10.17 -0.02 -4.19
N GLU B 76 -9.42 -0.35 -3.14
CA GLU B 76 -9.22 -1.70 -2.63
C GLU B 76 -9.70 -1.74 -1.19
N ALA B 77 -10.69 -2.57 -0.88
CA ALA B 77 -11.29 -2.58 0.47
C ALA B 77 -10.32 -3.16 1.51
N TYR B 78 -10.23 -2.51 2.67
CA TYR B 78 -9.43 -3.02 3.77
C TYR B 78 -9.90 -2.37 5.07
N ARG B 79 -10.43 -3.17 5.98
CA ARG B 79 -10.84 -2.65 7.27
C ARG B 79 -9.72 -2.88 8.27
N SER B 80 -8.99 -1.81 8.59
CA SER B 80 -7.94 -1.90 9.59
C SER B 80 -8.55 -2.33 10.93
N PRO B 81 -7.79 -3.15 11.69
CA PRO B 81 -8.22 -3.43 13.05
C PRO B 81 -8.38 -2.13 13.85
N ASN B 82 -7.62 -1.09 13.48
CA ASN B 82 -7.74 0.19 14.18
C ASN B 82 -9.08 0.90 13.95
N ILE B 83 -9.90 0.44 12.99
CA ILE B 83 -11.27 0.95 12.85
C ILE B 83 -12.07 0.77 14.14
N ASP B 84 -11.73 -0.24 14.94
CA ASP B 84 -12.41 -0.40 16.22
C ASP B 84 -12.30 0.83 17.14
N GLN B 85 -11.23 1.60 16.99
CA GLN B 85 -10.96 2.77 17.84
C GLN B 85 -11.52 4.05 17.24
N ILE B 86 -12.01 3.98 16.00
CA ILE B 86 -12.54 5.17 15.34
C ILE B 86 -13.95 5.50 15.86
N MET B 87 -14.28 6.79 15.94
CA MET B 87 -15.65 7.21 16.30
C MET B 87 -16.70 6.42 15.55
N PRO B 88 -17.63 5.77 16.28
CA PRO B 88 -18.56 4.87 15.59
C PRO B 88 -19.30 5.46 14.40
N LYS B 89 -19.85 6.67 14.51
CA LYS B 89 -20.57 7.24 13.39
C LYS B 89 -19.69 7.41 12.13
N PHE B 90 -18.38 7.42 12.31
CA PHE B 90 -17.47 7.61 11.16
C PHE B 90 -16.64 6.38 10.84
N GLN B 91 -17.05 5.20 11.33
CA GLN B 91 -16.25 4.01 11.10
C GLN B 91 -16.22 3.52 9.63
N ASP B 92 -17.32 3.76 8.90
CA ASP B 92 -17.43 3.32 7.49
C ASP B 92 -18.38 4.27 6.75
N PRO B 93 -17.93 5.53 6.53
CA PRO B 93 -18.85 6.60 6.18
C PRO B 93 -19.14 6.82 4.69
N ALA B 94 -18.38 6.19 3.80
CA ALA B 94 -18.49 6.48 2.37
C ALA B 94 -19.69 5.79 1.74
N LYS B 95 -19.91 6.08 0.47
CA LYS B 95 -21.07 5.54 -0.24
C LYS B 95 -21.05 4.01 -0.33
N VAL B 96 -19.92 3.45 -0.74
CA VAL B 96 -19.83 2.00 -0.83
C VAL B 96 -19.21 1.50 0.46
N LYS B 97 -19.92 0.62 1.17
CA LYS B 97 -19.41 0.18 2.46
C LYS B 97 -18.34 -0.90 2.34
N GLY B 98 -17.67 -1.17 3.46
CA GLY B 98 -16.57 -2.13 3.50
C GLY B 98 -15.19 -1.52 3.63
N ASN B 99 -15.16 -0.24 3.99
CA ASN B 99 -13.91 0.48 4.19
C ASN B 99 -13.00 0.44 2.97
N LEU B 100 -13.57 0.83 1.85
CA LEU B 100 -12.76 1.24 0.72
CA LEU B 100 -12.77 1.26 0.71
C LEU B 100 -12.09 2.58 1.08
N SER B 101 -12.77 3.35 1.91
CA SER B 101 -12.19 4.58 2.48
C SER B 101 -12.47 4.61 3.97
N SER B 102 -11.54 5.18 4.72
CA SER B 102 -11.74 5.36 6.16
C SER B 102 -11.49 6.81 6.55
N ALA B 103 -11.97 7.22 7.72
CA ALA B 103 -11.93 8.63 8.15
C ALA B 103 -10.86 8.87 9.16
N VAL B 104 -9.92 9.75 8.82
CA VAL B 104 -8.74 9.98 9.67
C VAL B 104 -8.77 11.29 10.41
N TYR B 105 -9.65 12.21 10.00
CA TYR B 105 -9.84 13.46 10.75
C TYR B 105 -11.11 14.14 10.35
N ILE B 106 -11.43 15.20 11.08
CA ILE B 106 -12.61 16.00 10.81
C ILE B 106 -12.18 17.46 10.69
N GLY B 107 -12.71 18.13 9.68
CA GLY B 107 -12.41 19.54 9.52
C GLY B 107 -13.69 20.34 9.40
N ILE B 108 -13.79 21.46 10.12
CA ILE B 108 -15.02 22.22 10.15
C ILE B 108 -15.03 23.28 9.04
N LEU B 109 -16.08 23.31 8.20
CA LEU B 109 -16.18 24.37 7.20
C LEU B 109 -16.62 25.68 7.83
N GLY B 110 -15.93 26.77 7.53
CA GLY B 110 -16.43 28.05 7.99
C GLY B 110 -15.73 29.14 7.23
N PHE B 111 -15.61 30.30 7.84
CA PHE B 111 -14.75 31.32 7.25
C PHE B 111 -14.02 32.06 8.34
N ALA B 112 -13.00 32.80 7.96
CA ALA B 112 -12.31 33.64 8.92
C ALA B 112 -12.06 34.99 8.31
N VAL B 113 -11.95 35.97 9.20
CA VAL B 113 -11.85 37.38 8.82
C VAL B 113 -10.55 37.96 9.33
N ASN B 114 -9.80 38.61 8.45
CA ASN B 114 -8.61 39.37 8.87
C ASN B 114 -9.11 40.70 9.39
N THR B 115 -9.04 40.86 10.71
CA THR B 115 -9.70 42.00 11.33
C THR B 115 -8.90 43.27 11.14
N GLU B 116 -7.60 43.13 10.90
CA GLU B 116 -6.76 44.28 10.60
C GLU B 116 -7.18 44.87 9.28
N ARG B 117 -7.37 43.98 8.30
CA ARG B 117 -7.70 44.41 6.96
C ARG B 117 -9.12 44.94 6.93
N LEU B 118 -10.01 44.31 7.69
CA LEU B 118 -11.40 44.79 7.77
C LEU B 118 -11.40 46.25 8.22
N LYS B 119 -10.65 46.52 9.28
CA LYS B 119 -10.52 47.90 9.79
C LYS B 119 -9.97 48.85 8.72
N LYS B 120 -8.91 48.42 8.06
CA LYS B 120 -8.18 49.25 7.12
C LYS B 120 -9.04 49.64 5.95
N LEU B 121 -9.95 48.74 5.56
CA LEU B 121 -10.85 49.02 4.47
C LEU B 121 -12.09 49.75 4.95
N GLY B 122 -12.17 50.04 6.23
CA GLY B 122 -13.29 50.78 6.77
C GLY B 122 -14.59 50.03 6.86
N ILE B 123 -14.54 48.72 6.58
CA ILE B 123 -15.73 47.87 6.69
C ILE B 123 -16.03 47.66 8.18
N GLU B 124 -17.20 48.01 8.67
CA GLU B 124 -17.34 47.93 10.12
C GLU B 124 -18.19 46.76 10.63
N LYS B 125 -18.81 46.02 9.72
CA LYS B 125 -19.51 44.80 10.11
C LYS B 125 -18.58 43.59 9.94
N ILE B 126 -18.24 42.91 11.03
CA ILE B 126 -17.58 41.60 10.91
C ILE B 126 -18.61 40.53 10.58
N PRO B 127 -18.51 39.90 9.40
CA PRO B 127 -19.55 38.95 9.02
C PRO B 127 -19.64 37.75 10.00
N GLN B 128 -20.85 37.29 10.26
CA GLN B 128 -21.07 36.20 11.23
C GLN B 128 -21.91 35.07 10.65
N CYS B 129 -22.38 35.26 9.44
CA CYS B 129 -23.31 34.34 8.77
CA CYS B 129 -23.17 34.23 8.80
C CYS B 129 -22.89 34.18 7.32
N TRP B 130 -23.28 33.08 6.70
CA TRP B 130 -23.02 32.96 5.27
C TRP B 130 -23.65 34.13 4.53
N ASN B 131 -24.85 34.52 4.96
CA ASN B 131 -25.55 35.55 4.24
C ASN B 131 -24.82 36.90 4.28
N ASP B 132 -24.06 37.14 5.35
CA ASP B 132 -23.26 38.34 5.46
C ASP B 132 -22.19 38.43 4.39
N LEU B 133 -21.76 37.29 3.81
CA LEU B 133 -20.68 37.35 2.84
C LEU B 133 -21.08 37.98 1.48
N THR B 134 -22.38 38.16 1.26
CA THR B 134 -22.86 38.77 0.03
C THR B 134 -23.01 40.29 0.16
N ASP B 135 -22.73 40.82 1.35
CA ASP B 135 -22.67 42.28 1.54
C ASP B 135 -21.77 42.94 0.50
N PRO B 136 -22.27 43.94 -0.25
CA PRO B 136 -21.43 44.58 -1.26
C PRO B 136 -20.17 45.25 -0.71
N LYS B 137 -20.16 45.60 0.56
CA LYS B 137 -18.97 46.20 1.14
C LYS B 137 -17.77 45.25 1.12
N LEU B 138 -18.03 43.95 0.92
CA LEU B 138 -16.97 42.93 0.83
C LEU B 138 -16.57 42.63 -0.60
N LYS B 139 -16.92 43.51 -1.54
CA LYS B 139 -16.52 43.31 -2.93
C LYS B 139 -15.02 43.12 -3.06
N GLY B 140 -14.62 42.04 -3.70
CA GLY B 140 -13.22 41.79 -3.97
C GLY B 140 -12.44 41.38 -2.73
N GLU B 141 -13.13 40.99 -1.67
CA GLU B 141 -12.42 40.75 -0.43
C GLU B 141 -12.62 39.34 0.10
N ILE B 142 -13.20 38.46 -0.72
CA ILE B 142 -13.45 37.09 -0.30
C ILE B 142 -12.74 36.11 -1.23
N GLN B 143 -12.17 35.05 -0.66
CA GLN B 143 -11.62 33.97 -1.49
C GLN B 143 -12.13 32.62 -1.02
N ILE B 144 -12.24 31.73 -1.99
CA ILE B 144 -12.59 30.33 -1.76
C ILE B 144 -11.94 29.51 -2.88
N ALA B 145 -11.72 28.23 -2.66
CA ALA B 145 -11.13 27.43 -3.73
C ALA B 145 -12.12 27.03 -4.84
N ASP B 146 -11.57 26.47 -5.92
CA ASP B 146 -12.31 26.04 -7.12
C ASP B 146 -12.64 24.53 -7.02
N PRO B 147 -13.92 24.15 -7.13
CA PRO B 147 -14.25 22.74 -6.88
C PRO B 147 -13.78 21.80 -7.95
N GLN B 148 -13.29 22.29 -9.08
CA GLN B 148 -12.67 21.35 -10.03
C GLN B 148 -11.44 20.68 -9.44
N SER B 149 -10.71 21.40 -8.61
CA SER B 149 -9.51 20.88 -7.98
C SER B 149 -9.66 20.54 -6.51
N SER B 150 -10.41 21.38 -5.81
CA SER B 150 -10.43 21.40 -4.35
C SER B 150 -11.60 20.63 -3.73
N GLY B 151 -11.28 19.74 -2.80
CA GLY B 151 -12.31 19.13 -1.98
C GLY B 151 -13.03 20.10 -1.05
N THR B 152 -12.29 21.07 -0.51
CA THR B 152 -12.88 22.09 0.35
C THR B 152 -14.01 22.81 -0.36
N ALA B 153 -13.78 23.19 -1.61
CA ALA B 153 -14.81 23.94 -2.32
C ALA B 153 -16.05 23.08 -2.56
N TYR B 154 -15.86 21.81 -2.83
CA TYR B 154 -17.02 20.93 -2.99
C TYR B 154 -17.76 20.76 -1.67
N THR B 155 -17.03 20.61 -0.56
CA THR B 155 -17.69 20.51 0.74
C THR B 155 -18.58 21.74 0.97
N ALA B 156 -18.10 22.91 0.55
CA ALA B 156 -18.88 24.14 0.69
C ALA B 156 -20.14 24.05 -0.18
N ILE B 157 -20.01 23.69 -1.46
CA ILE B 157 -21.20 23.60 -2.30
C ILE B 157 -22.20 22.60 -1.73
N ALA B 158 -21.71 21.43 -1.32
CA ALA B 158 -22.59 20.43 -0.75
C ALA B 158 -23.23 20.87 0.55
N THR B 159 -22.48 21.62 1.35
CA THR B 159 -23.02 22.13 2.59
C THR B 159 -24.14 23.10 2.29
N PHE B 160 -23.91 24.02 1.34
CA PHE B 160 -24.97 24.99 1.01
C PHE B 160 -26.21 24.25 0.48
N ALA B 161 -26.00 23.23 -0.32
CA ALA B 161 -27.13 22.47 -0.88
C ALA B 161 -27.93 21.79 0.23
N GLN B 162 -27.25 21.31 1.26
CA GLN B 162 -27.91 20.67 2.40
C GLN B 162 -28.57 21.66 3.32
N LEU B 163 -27.98 22.86 3.48
CA LEU B 163 -28.58 23.90 4.33
C LEU B 163 -29.86 24.47 3.74
N TRP B 164 -29.84 24.69 2.43
CA TRP B 164 -30.88 25.50 1.80
C TRP B 164 -31.59 24.85 0.65
N GLY B 165 -31.15 23.66 0.24
CA GLY B 165 -31.59 23.10 -1.02
C GLY B 165 -30.75 23.57 -2.21
N GLU B 166 -30.70 22.76 -3.25
CA GLU B 166 -29.82 23.04 -4.39
C GLU B 166 -30.11 24.37 -5.09
N ASP B 167 -31.38 24.68 -5.37
CA ASP B 167 -31.70 25.91 -6.07
C ASP B 167 -31.24 27.17 -5.32
N LYS B 168 -31.54 27.20 -4.02
CA LYS B 168 -31.18 28.34 -3.22
C LYS B 168 -29.68 28.38 -2.98
N ALA B 169 -29.02 27.22 -2.99
CA ALA B 169 -27.58 27.20 -2.78
C ALA B 169 -26.93 27.92 -3.95
N PHE B 170 -27.43 27.67 -5.15
CA PHE B 170 -26.79 28.25 -6.33
C PHE B 170 -27.19 29.71 -6.48
N ASP B 171 -28.36 30.08 -5.96
CA ASP B 171 -28.67 31.48 -5.90
C ASP B 171 -27.73 32.17 -4.91
N TYR B 172 -27.40 31.52 -3.79
CA TYR B 172 -26.44 32.11 -2.86
C TYR B 172 -25.08 32.28 -3.57
N PHE B 173 -24.65 31.25 -4.30
CA PHE B 173 -23.35 31.34 -4.93
C PHE B 173 -23.36 32.45 -5.99
N LYS B 174 -24.47 32.61 -6.72
CA LYS B 174 -24.58 33.71 -7.66
C LYS B 174 -24.37 35.07 -7.01
N HIS B 175 -24.89 35.22 -5.80
CA HIS B 175 -24.73 36.48 -5.12
C HIS B 175 -23.43 36.61 -4.35
N LEU B 176 -22.76 35.50 -4.09
CA LEU B 176 -21.46 35.56 -3.44
C LEU B 176 -20.34 35.84 -4.44
N HIS B 177 -20.50 35.27 -5.63
CA HIS B 177 -19.53 35.37 -6.71
C HIS B 177 -19.00 36.79 -6.99
N PRO B 178 -19.88 37.82 -7.01
CA PRO B 178 -19.33 39.13 -7.32
C PRO B 178 -18.30 39.61 -6.30
N ASN B 179 -18.32 39.04 -5.09
CA ASN B 179 -17.40 39.47 -4.03
C ASN B 179 -16.11 38.67 -3.98
N ILE B 180 -16.03 37.59 -4.77
CA ILE B 180 -14.86 36.71 -4.75
C ILE B 180 -13.76 37.34 -5.56
N SER B 181 -12.59 37.52 -4.98
CA SER B 181 -11.52 38.10 -5.78
C SER B 181 -10.84 37.03 -6.62
N GLN B 182 -10.65 35.86 -6.01
CA GLN B 182 -10.01 34.73 -6.66
C GLN B 182 -10.63 33.43 -6.24
N TYR B 183 -10.83 32.52 -7.20
CA TYR B 183 -11.06 31.09 -6.91
C TYR B 183 -9.69 30.46 -6.96
N THR B 184 -9.26 29.90 -5.85
CA THR B 184 -7.90 29.38 -5.76
C THR B 184 -7.89 27.91 -6.15
N LYS B 185 -6.72 27.42 -6.53
CA LYS B 185 -6.63 26.01 -6.87
CA LYS B 185 -6.63 26.00 -6.87
C LYS B 185 -6.71 25.12 -5.62
N SER B 186 -5.95 25.49 -4.60
CA SER B 186 -5.90 24.73 -3.35
C SER B 186 -6.83 25.23 -2.30
N GLY B 187 -7.42 24.30 -1.55
CA GLY B 187 -8.39 24.69 -0.53
C GLY B 187 -7.84 25.65 0.53
N ILE B 188 -6.55 25.53 0.83
CA ILE B 188 -5.95 26.25 1.94
C ILE B 188 -5.53 27.67 1.55
N THR B 189 -5.46 27.93 0.26
CA THR B 189 -4.88 29.21 -0.18
C THR B 189 -5.63 30.45 0.38
N PRO B 190 -6.98 30.43 0.46
CA PRO B 190 -7.67 31.56 1.11
C PRO B 190 -7.23 31.80 2.54
N ALA B 191 -6.96 30.74 3.30
CA ALA B 191 -6.49 30.90 4.68
C ALA B 191 -5.14 31.57 4.73
N ARG B 192 -4.26 31.17 3.82
CA ARG B 192 -2.94 31.77 3.75
C ARG B 192 -3.06 33.21 3.29
N ASN B 193 -3.92 33.47 2.31
CA ASN B 193 -4.04 34.85 1.82
C ASN B 193 -4.70 35.75 2.85
N ALA B 194 -5.64 35.22 3.61
CA ALA B 194 -6.23 36.03 4.64
C ALA B 194 -5.20 36.33 5.72
N ALA B 195 -4.40 35.33 6.10
CA ALA B 195 -3.33 35.54 7.09
C ALA B 195 -2.34 36.59 6.62
N ARG B 196 -2.10 36.63 5.31
CA ARG B 196 -1.12 37.54 4.69
C ARG B 196 -1.69 38.94 4.61
N GLY B 197 -2.97 39.06 4.87
CA GLY B 197 -3.67 40.32 4.68
C GLY B 197 -3.85 40.73 3.25
N GLU B 198 -3.94 39.74 2.36
CA GLU B 198 -4.17 40.00 0.95
C GLU B 198 -5.62 39.76 0.56
N THR B 199 -6.39 39.21 1.48
CA THR B 199 -7.83 39.17 1.31
C THR B 199 -8.42 39.35 2.70
N THR B 200 -9.68 39.75 2.80
CA THR B 200 -10.26 39.97 4.11
C THR B 200 -10.93 38.71 4.67
N VAL B 201 -11.58 37.94 3.80
CA VAL B 201 -12.30 36.77 4.26
C VAL B 201 -11.85 35.56 3.48
N GLY B 202 -11.49 34.50 4.18
CA GLY B 202 -11.22 33.25 3.48
C GLY B 202 -12.28 32.25 3.90
N ILE B 203 -12.81 31.47 2.95
CA ILE B 203 -13.74 30.38 3.25
C ILE B 203 -12.99 29.08 3.13
N GLY B 204 -13.11 28.20 4.12
CA GLY B 204 -12.39 26.94 4.03
C GLY B 204 -12.49 26.19 5.36
N PHE B 205 -11.51 25.37 5.68
CA PHE B 205 -11.66 24.58 6.92
C PHE B 205 -10.99 25.33 8.05
N LEU B 206 -11.69 25.47 9.17
CA LEU B 206 -11.26 26.41 10.19
C LEU B 206 -9.92 26.04 10.82
N HIS B 207 -9.53 24.77 10.86
CA HIS B 207 -8.28 24.40 11.47
C HIS B 207 -7.10 25.02 10.73
N ASP B 208 -7.26 25.28 9.42
CA ASP B 208 -6.19 25.94 8.68
C ASP B 208 -6.03 27.39 9.15
N TYR B 209 -7.14 28.04 9.39
CA TYR B 209 -7.08 29.40 9.93
C TYR B 209 -6.57 29.41 11.36
N ALA B 210 -6.92 28.38 12.13
CA ALA B 210 -6.41 28.27 13.50
C ALA B 210 -4.88 28.17 13.53
N LEU B 211 -4.31 27.43 12.59
CA LEU B 211 -2.87 27.33 12.53
C LEU B 211 -2.24 28.70 12.20
N GLU B 212 -2.83 29.45 11.26
CA GLU B 212 -2.30 30.77 10.96
C GLU B 212 -2.43 31.71 12.15
N LYS B 213 -3.57 31.64 12.85
CA LYS B 213 -3.78 32.46 14.05
C LYS B 213 -2.71 32.12 15.09
N GLU B 214 -2.36 30.84 15.19
CA GLU B 214 -1.37 30.42 16.20
C GLU B 214 0.04 30.89 15.86
N GLN B 215 0.23 31.30 14.60
CA GLN B 215 1.48 31.85 14.14
C GLN B 215 1.43 33.39 14.11
N GLY B 216 0.36 33.99 14.63
CA GLY B 216 0.32 35.44 14.75
C GLY B 216 -0.58 36.19 13.79
N ALA B 217 -1.30 35.48 12.95
CA ALA B 217 -2.18 36.19 12.02
C ALA B 217 -3.41 36.76 12.74
N PRO B 218 -3.85 37.98 12.35
CA PRO B 218 -5.00 38.59 13.04
C PRO B 218 -6.33 38.10 12.46
N LEU B 219 -6.65 36.84 12.70
CA LEU B 219 -7.85 36.23 12.15
C LEU B 219 -8.91 35.98 13.21
N GLU B 220 -10.16 36.27 12.86
CA GLU B 220 -11.31 35.85 13.66
C GLU B 220 -11.99 34.70 12.94
N MET B 221 -12.02 33.53 13.55
CA MET B 221 -12.71 32.38 12.93
C MET B 221 -14.19 32.43 13.22
N VAL B 222 -14.97 32.11 12.20
CA VAL B 222 -16.42 32.13 12.29
C VAL B 222 -17.04 30.79 11.90
N VAL B 223 -17.87 30.24 12.78
CA VAL B 223 -18.78 29.13 12.47
C VAL B 223 -20.09 29.81 12.12
N PRO B 224 -20.45 29.83 10.84
CA PRO B 224 -21.55 30.73 10.44
C PRO B 224 -22.88 30.46 11.15
N CYS B 225 -23.67 31.51 11.37
CA CYS B 225 -24.84 31.36 12.23
CA CYS B 225 -24.92 31.45 12.15
C CYS B 225 -25.91 30.42 11.65
N GLU B 226 -25.98 30.26 10.33
CA GLU B 226 -26.98 29.34 9.74
C GLU B 226 -26.66 27.87 10.02
N GLY B 227 -25.45 27.57 10.43
CA GLY B 227 -25.02 26.20 10.53
C GLY B 227 -23.98 25.95 9.46
N THR B 228 -23.26 24.84 9.61
CA THR B 228 -22.25 24.57 8.59
C THR B 228 -22.02 23.09 8.46
N GLY B 229 -21.10 22.73 7.57
CA GLY B 229 -20.78 21.33 7.34
C GLY B 229 -19.33 21.07 7.71
N TYR B 230 -18.84 19.93 7.27
CA TYR B 230 -17.50 19.49 7.61
C TYR B 230 -17.00 18.45 6.63
N GLU B 231 -15.69 18.33 6.53
CA GLU B 231 -15.04 17.21 5.86
C GLU B 231 -14.71 16.12 6.84
N LEU B 232 -14.70 14.89 6.36
CA LEU B 232 -13.89 13.85 6.94
C LEU B 232 -12.67 13.73 6.05
N GLY B 233 -11.49 13.66 6.65
CA GLY B 233 -10.27 13.38 5.90
C GLY B 233 -10.30 11.89 5.58
N GLY B 234 -9.95 11.52 4.36
CA GLY B 234 -10.04 10.12 3.99
C GLY B 234 -8.67 9.48 3.86
N VAL B 235 -8.63 8.16 4.06
CA VAL B 235 -7.49 7.38 3.61
C VAL B 235 -8.06 6.14 2.88
N SER B 236 -7.47 5.82 1.73
CA SER B 236 -7.98 4.75 0.85
C SER B 236 -6.83 4.08 0.13
N ILE B 237 -6.92 2.76 -0.06
CA ILE B 237 -5.91 2.05 -0.84
C ILE B 237 -6.37 2.01 -2.28
N LEU B 238 -5.48 2.23 -3.23
CA LEU B 238 -5.84 2.17 -4.65
CA LEU B 238 -5.85 2.18 -4.64
C LEU B 238 -5.92 0.73 -5.11
N LYS B 239 -6.87 0.44 -5.97
CA LYS B 239 -6.94 -0.86 -6.61
C LYS B 239 -5.71 -0.98 -7.47
N GLY B 240 -5.07 -2.14 -7.45
CA GLY B 240 -3.88 -2.34 -8.27
C GLY B 240 -2.63 -1.77 -7.66
N ALA B 241 -2.68 -1.39 -6.37
CA ALA B 241 -1.46 -0.92 -5.68
C ALA B 241 -0.27 -1.85 -5.89
N ARG B 242 0.88 -1.28 -6.20
CA ARG B 242 2.12 -2.04 -6.37
C ARG B 242 2.61 -2.61 -5.02
N ASN B 243 2.34 -1.88 -3.94
CA ASN B 243 2.76 -2.28 -2.59
C ASN B 243 1.61 -2.45 -1.61
N LEU B 244 0.79 -3.48 -1.84
CA LEU B 244 -0.46 -3.55 -1.11
C LEU B 244 -0.26 -3.76 0.40
N ASP B 245 0.68 -4.61 0.78
CA ASP B 245 0.91 -4.85 2.17
C ASP B 245 1.37 -3.57 2.88
N ASN B 246 2.26 -2.80 2.24
CA ASN B 246 2.72 -1.54 2.87
C ASN B 246 1.55 -0.55 2.88
N ALA B 247 0.67 -0.63 1.89
CA ALA B 247 -0.51 0.25 1.91
C ALA B 247 -1.38 0.00 3.11
N LYS B 248 -1.64 -1.28 3.41
CA LYS B 248 -2.43 -1.65 4.56
C LYS B 248 -1.79 -1.21 5.87
N LEU B 249 -0.48 -1.36 5.93
CA LEU B 249 0.30 -0.90 7.08
C LEU B 249 0.09 0.60 7.28
N PHE B 250 0.13 1.35 6.18
CA PHE B 250 -0.07 2.79 6.27
C PHE B 250 -1.49 3.12 6.73
N VAL B 251 -2.50 2.43 6.19
CA VAL B 251 -3.85 2.65 6.66
C VAL B 251 -3.95 2.41 8.16
N ASP B 252 -3.28 1.37 8.64
CA ASP B 252 -3.21 1.11 10.06
C ASP B 252 -2.61 2.32 10.80
N PHE B 253 -1.46 2.77 10.30
CA PHE B 253 -0.76 3.90 10.91
C PHE B 253 -1.68 5.13 10.90
N ALA B 254 -2.34 5.40 9.78
CA ALA B 254 -3.13 6.63 9.62
C ALA B 254 -4.33 6.67 10.56
N LEU B 255 -4.82 5.48 10.93
CA LEU B 255 -5.92 5.37 11.83
C LEU B 255 -5.50 5.12 13.29
N SER B 256 -4.20 5.06 13.54
CA SER B 256 -3.68 4.75 14.88
C SER B 256 -3.56 5.99 15.72
N LYS B 257 -3.50 5.75 17.03
CA LYS B 257 -3.25 6.82 18.01
C LYS B 257 -2.04 7.68 17.68
N GLU B 258 -0.89 7.05 17.47
CA GLU B 258 0.36 7.73 17.13
C GLU B 258 0.30 8.45 15.79
N GLY B 259 -0.26 7.79 14.78
CA GLY B 259 -0.38 8.40 13.46
C GLY B 259 -1.26 9.64 13.43
N GLN B 260 -2.34 9.64 14.19
CA GLN B 260 -3.22 10.78 14.22
C GLN B 260 -2.62 11.86 15.12
N GLU B 261 -2.05 11.47 16.26
CA GLU B 261 -1.47 12.50 17.14
C GLU B 261 -0.32 13.21 16.49
N THR B 262 0.42 12.53 15.63
CA THR B 262 1.62 13.19 15.10
C THR B 262 1.17 14.36 14.19
N ALA B 263 -0.06 14.31 13.67
CA ALA B 263 -0.56 15.37 12.79
C ALA B 263 -0.46 16.76 13.46
N TRP B 264 -0.94 16.88 14.71
CA TRP B 264 -0.88 18.16 15.39
C TRP B 264 0.37 18.29 16.23
N LYS B 265 0.96 17.18 16.68
CA LYS B 265 2.18 17.31 17.49
C LYS B 265 3.40 17.68 16.65
N LYS B 266 3.48 17.18 15.43
CA LYS B 266 4.62 17.46 14.59
C LYS B 266 4.28 17.93 13.18
N GLY B 267 3.07 17.63 12.68
CA GLY B 267 2.78 17.88 11.29
C GLY B 267 2.01 19.17 11.02
N GLN B 268 1.89 20.03 12.03
CA GLN B 268 1.29 21.37 11.86
C GLN B 268 -0.10 21.29 11.25
N ALA B 269 -0.91 20.36 11.76
CA ALA B 269 -2.24 20.14 11.20
C ALA B 269 -3.22 19.93 12.35
N LEU B 270 -4.19 20.83 12.48
CA LEU B 270 -4.99 20.90 13.69
C LEU B 270 -6.41 20.39 13.51
N GLN B 271 -6.61 19.43 12.60
CA GLN B 271 -7.91 18.83 12.48
C GLN B 271 -8.26 18.07 13.74
N THR B 272 -9.54 17.82 13.88
CA THR B 272 -10.06 17.01 14.98
C THR B 272 -9.87 15.54 14.62
N LEU B 273 -9.31 14.76 15.54
CA LEU B 273 -8.98 13.37 15.29
C LEU B 273 -10.19 12.45 15.45
N THR B 274 -10.23 11.38 14.65
CA THR B 274 -11.34 10.44 14.67
C THR B 274 -11.09 9.24 15.59
N ASN B 275 -9.83 8.96 15.91
CA ASN B 275 -9.48 7.88 16.86
C ASN B 275 -9.76 8.33 18.29
N THR B 276 -10.69 7.62 18.93
CA THR B 276 -11.20 8.01 20.25
C THR B 276 -10.18 7.80 21.36
N THR B 277 -9.05 7.17 21.06
CA THR B 277 -8.00 7.01 22.06
C THR B 277 -6.88 8.06 21.90
N ALA B 278 -6.99 8.91 20.89
CA ALA B 278 -5.94 9.89 20.67
C ALA B 278 -6.23 11.16 21.46
N GLU B 279 -5.14 11.79 21.90
CA GLU B 279 -5.22 13.12 22.48
C GLU B 279 -5.48 14.11 21.34
N GLN B 280 -6.45 14.99 21.53
CA GLN B 280 -6.70 16.07 20.59
C GLN B 280 -5.77 17.24 20.85
N SER B 281 -5.39 17.95 19.78
CA SER B 281 -4.81 19.27 19.94
C SER B 281 -5.73 20.17 20.78
N PRO B 282 -5.15 21.04 21.63
CA PRO B 282 -6.03 21.97 22.36
C PRO B 282 -6.73 22.98 21.46
N LEU B 283 -6.22 23.11 20.23
CA LEU B 283 -6.81 24.04 19.28
C LEU B 283 -7.84 23.37 18.36
N ALA B 284 -8.06 22.07 18.51
CA ALA B 284 -9.04 21.39 17.66
C ALA B 284 -10.47 21.75 18.02
N PHE B 285 -11.34 21.77 17.02
CA PHE B 285 -12.75 22.03 17.24
C PHE B 285 -13.49 20.83 17.82
N ASP B 286 -14.46 21.11 18.67
CA ASP B 286 -15.26 20.08 19.32
C ASP B 286 -16.59 20.03 18.64
N LEU B 287 -16.88 18.94 17.96
CA LEU B 287 -18.10 18.83 17.19
C LEU B 287 -19.36 19.10 18.03
N THR B 288 -19.35 18.57 19.26
CA THR B 288 -20.53 18.57 20.11
C THR B 288 -21.00 19.98 20.48
N LYS B 289 -20.12 20.95 20.27
CA LYS B 289 -20.44 22.33 20.55
C LYS B 289 -20.99 23.11 19.36
N LEU B 290 -20.82 22.55 18.17
CA LEU B 290 -21.05 23.36 16.98
C LEU B 290 -22.37 23.09 16.30
N LYS B 291 -22.87 24.10 15.60
CA LYS B 291 -24.09 24.01 14.84
C LYS B 291 -23.76 23.40 13.48
N LEU B 292 -23.75 22.07 13.43
CA LEU B 292 -23.36 21.32 12.23
C LEU B 292 -24.50 20.56 11.62
N ILE B 293 -24.57 20.56 10.29
CA ILE B 293 -25.51 19.68 9.62
C ILE B 293 -25.02 18.25 9.76
N ASP B 294 -25.91 17.30 9.50
CA ASP B 294 -25.49 15.91 9.47
C ASP B 294 -25.07 15.65 8.05
N TYR B 295 -23.80 15.97 7.74
CA TYR B 295 -23.35 15.96 6.35
C TYR B 295 -23.51 14.57 5.74
N ASP B 296 -24.18 14.50 4.61
CA ASP B 296 -24.56 13.22 4.02
C ASP B 296 -23.45 12.75 3.07
N PHE B 297 -22.43 12.07 3.60
CA PHE B 297 -21.32 11.61 2.76
C PHE B 297 -21.73 10.58 1.73
N GLU B 298 -22.69 9.72 2.08
CA GLU B 298 -23.15 8.74 1.11
C GLU B 298 -23.79 9.38 -0.13
N LYS B 299 -24.53 10.47 0.07
CA LYS B 299 -25.16 11.17 -1.03
C LYS B 299 -24.18 12.04 -1.83
N TYR B 300 -23.36 12.80 -1.13
CA TYR B 300 -22.53 13.78 -1.80
C TYR B 300 -21.18 13.18 -2.23
N GLY B 301 -20.80 12.03 -1.67
CA GLY B 301 -19.58 11.33 -2.09
C GLY B 301 -19.89 10.32 -3.20
N ALA B 302 -20.44 10.83 -4.27
CA ALA B 302 -21.00 9.94 -5.31
C ALA B 302 -20.99 10.69 -6.61
N SER B 303 -20.88 9.97 -7.73
CA SER B 303 -20.79 10.61 -9.02
C SER B 303 -21.95 11.52 -9.36
N ASP B 304 -23.16 11.17 -8.93
CA ASP B 304 -24.29 11.97 -9.41
C ASP B 304 -24.19 13.39 -8.84
N GLU B 305 -23.95 13.54 -7.54
CA GLU B 305 -23.83 14.89 -6.97
C GLU B 305 -22.49 15.53 -7.33
N ARG B 306 -21.41 14.76 -7.32
CA ARG B 306 -20.11 15.34 -7.68
C ARG B 306 -20.09 15.92 -9.08
N LYS B 307 -20.58 15.17 -10.04
CA LYS B 307 -20.57 15.67 -11.41
C LYS B 307 -21.61 16.74 -11.60
N ARG B 308 -22.82 16.52 -11.10
CA ARG B 308 -23.88 17.49 -11.36
C ARG B 308 -23.59 18.83 -10.68
N LEU B 309 -23.20 18.80 -9.40
CA LEU B 309 -22.97 20.07 -8.71
C LEU B 309 -21.74 20.82 -9.21
N ILE B 310 -20.65 20.11 -9.45
CA ILE B 310 -19.46 20.82 -9.91
C ILE B 310 -19.68 21.32 -11.33
N ASN B 311 -20.32 20.53 -12.18
CA ASN B 311 -20.43 21.06 -13.54
C ASN B 311 -21.41 22.23 -13.57
N LYS B 312 -22.40 22.21 -12.68
CA LYS B 312 -23.30 23.36 -12.55
C LYS B 312 -22.56 24.60 -12.10
N TRP B 313 -21.67 24.44 -11.14
CA TRP B 313 -20.85 25.57 -10.69
C TRP B 313 -20.00 26.09 -11.86
N VAL B 314 -19.34 25.20 -12.59
CA VAL B 314 -18.53 25.61 -13.72
C VAL B 314 -19.38 26.27 -14.79
N ASP B 315 -20.54 25.71 -15.07
CA ASP B 315 -21.34 26.16 -16.22
C ASP B 315 -22.07 27.44 -15.91
N GLU B 316 -22.46 27.65 -14.65
CA GLU B 316 -23.37 28.74 -14.28
C GLU B 316 -22.80 29.82 -13.34
N ILE B 317 -21.82 29.46 -12.52
CA ILE B 317 -21.30 30.41 -11.55
C ILE B 317 -19.99 30.98 -12.00
N LYS B 318 -19.07 30.11 -12.39
CA LYS B 318 -17.69 30.45 -12.64
C LYS B 318 -17.57 31.64 -13.58
N LEU B 319 -18.31 31.62 -14.68
CA LEU B 319 -18.34 32.77 -15.58
C LEU B 319 -16.93 33.17 -16.00
N ALA B 320 -16.56 34.42 -15.71
CA ALA B 320 -15.32 34.99 -16.19
C ALA B 320 -14.23 34.89 -15.12
C1 G6P C . 11.20 -13.32 -0.99
C2 G6P C . 12.34 -14.19 -0.89
C3 G6P C . 12.56 -14.91 -2.19
C4 G6P C . 11.31 -15.58 -2.69
C5 G6P C . 10.23 -14.52 -2.78
C6 G6P C . 8.88 -15.09 -3.09
O1 G6P C . 10.94 -12.53 0.08
O2 G6P C . 13.54 -13.47 -0.49
O3 G6P C . 13.57 -15.83 -1.91
O4 G6P C . 11.59 -16.17 -3.92
O5 G6P C . 10.14 -13.92 -1.55
O6 G6P C . 7.96 -14.06 -3.09
P G6P C . 6.33 -14.29 -3.13
O1P G6P C . 5.77 -12.93 -2.87
O2P G6P C . 5.99 -14.85 -4.42
O3P G6P C . 6.01 -15.23 -2.10
C1 M6P D . 11.24 -13.15 -1.09
C2 M6P D . 12.34 -14.04 -1.05
C3 M6P D . 12.45 -15.16 -1.88
C4 M6P D . 11.44 -15.32 -2.93
C5 M6P D . 10.15 -14.50 -2.78
C6 M6P D . 8.82 -15.12 -3.07
O1 M6P D . 10.89 -12.59 0.11
O2 M6P D . 11.85 -14.89 -0.20
O3 M6P D . 13.68 -15.80 -1.98
O4 M6P D . 11.57 -16.24 -3.92
O5 M6P D . 10.08 -13.93 -1.49
O6 M6P D . 7.96 -14.05 -3.06
P M6P D . 6.35 -14.29 -3.11
O1P M6P D . 5.76 -12.96 -2.86
O2P M6P D . 5.97 -14.86 -4.39
O3P M6P D . 6.05 -15.21 -2.08
C1 GOL E . 15.99 -32.86 -1.06
O1 GOL E . 16.06 -33.60 0.15
C2 GOL E . 17.37 -32.31 -1.35
O2 GOL E . 17.38 -31.70 -2.61
C3 GOL E . 17.70 -31.26 -0.30
O3 GOL E . 18.79 -31.73 0.47
C1 GOL F . 12.45 -31.33 -9.16
O1 GOL F . 13.27 -31.76 -10.18
C2 GOL F . 11.97 -32.49 -8.30
O2 GOL F . 12.89 -33.55 -7.99
C3 GOL F . 10.68 -33.05 -8.86
O3 GOL F . 10.70 -33.20 -10.25
CL CL G . 10.67 -5.82 -1.37
CL CL H . 18.65 -8.50 -27.29
C1 G6P I . -6.22 21.40 3.80
C2 G6P I . -6.67 20.96 5.08
C3 G6P I . -7.17 19.54 4.95
C4 G6P I . -8.15 19.35 3.83
C5 G6P I . -7.42 19.77 2.59
C6 G6P I . -8.28 19.77 1.34
O1 G6P I . -5.58 22.58 3.78
O2 G6P I . -5.66 21.05 6.12
O3 G6P I . -7.76 19.23 6.16
O4 G6P I . -8.45 18.03 3.84
O5 G6P I . -7.03 21.10 2.76
O6 G6P I . -7.57 20.33 0.29
P G6P I . -8.21 20.67 -1.12
O1P G6P I . -7.16 21.40 -1.90
O2P G6P I . -9.30 21.52 -0.81
O3P G6P I . -8.68 19.45 -1.72
C1 M6P J . -5.97 21.32 3.74
C2 M6P J . -6.49 20.81 4.94
C3 M6P J . -7.39 19.76 5.01
C4 M6P J . -7.66 19.02 3.77
C5 M6P J . -7.42 19.77 2.48
C6 M6P J . -8.36 19.76 1.31
O1 M6P J . -5.70 22.62 3.80
O2 M6P J . -7.55 21.59 5.09
O3 M6P J . -7.74 19.13 6.21
O4 M6P J . -8.56 18.00 3.80
O5 M6P J . -7.05 21.13 2.72
O6 M6P J . -7.55 20.31 0.32
P M6P J . -8.19 20.66 -1.09
O1P M6P J . -8.68 19.49 -1.74
O2P M6P J . -9.28 21.50 -0.78
O3P M6P J . -7.19 21.39 -1.90
C1 GOL K . -2.88 -5.71 8.72
O1 GOL K . -2.63 -4.61 9.58
C2 GOL K . -1.90 -5.68 7.58
O2 GOL K . -0.98 -6.73 7.78
C3 GOL K . -1.19 -4.33 7.61
O3 GOL K . -0.54 -4.13 8.85
C1 GOL L . -14.27 35.50 -10.47
O1 GOL L . -12.95 35.29 -9.98
C2 GOL L . -14.86 36.60 -9.61
O2 GOL L . -15.63 36.26 -8.59
C3 GOL L . -15.61 37.80 -10.18
O3 GOL L . -15.39 38.52 -9.00
CL CL M . 4.01 -3.97 0.18
CL CL N . 0.82 22.91 1.27
#